data_348D
# 
_entry.id   348D 
# 
_audit_conform.dict_name       mmcif_pdbx.dic 
_audit_conform.dict_version    5.387 
_audit_conform.dict_location   http://mmcif.pdb.org/dictionaries/ascii/mmcif_pdbx.dic 
# 
loop_
_database_2.database_id 
_database_2.database_code 
_database_2.pdbx_database_accession 
_database_2.pdbx_DOI 
PDB   348D         pdb_0000348d 10.2210/pdb348d/pdb 
RCSB  ADJ0102      ?            ?                   
WWPDB D_1000178817 ?            ?                   
# 
loop_
_pdbx_audit_revision_history.ordinal 
_pdbx_audit_revision_history.data_content_type 
_pdbx_audit_revision_history.major_revision 
_pdbx_audit_revision_history.minor_revision 
_pdbx_audit_revision_history.revision_date 
1 'Structure model' 1 0 1997-10-09 
2 'Structure model' 1 1 2008-05-22 
3 'Structure model' 1 2 2011-07-13 
4 'Structure model' 1 3 2024-02-21 
# 
_pdbx_audit_revision_details.ordinal             1 
_pdbx_audit_revision_details.revision_ordinal    1 
_pdbx_audit_revision_details.data_content_type   'Structure model' 
_pdbx_audit_revision_details.provider            repository 
_pdbx_audit_revision_details.type                'Initial release' 
_pdbx_audit_revision_details.description         ? 
_pdbx_audit_revision_details.details             ? 
# 
loop_
_pdbx_audit_revision_group.ordinal 
_pdbx_audit_revision_group.revision_ordinal 
_pdbx_audit_revision_group.data_content_type 
_pdbx_audit_revision_group.group 
1 2 'Structure model' 'Version format compliance' 
2 3 'Structure model' 'Version format compliance' 
3 4 'Structure model' 'Data collection'           
4 4 'Structure model' 'Database references'       
# 
loop_
_pdbx_audit_revision_category.ordinal 
_pdbx_audit_revision_category.revision_ordinal 
_pdbx_audit_revision_category.data_content_type 
_pdbx_audit_revision_category.category 
1 4 'Structure model' chem_comp_atom 
2 4 'Structure model' chem_comp_bond 
3 4 'Structure model' database_2     
# 
loop_
_pdbx_audit_revision_item.ordinal 
_pdbx_audit_revision_item.revision_ordinal 
_pdbx_audit_revision_item.data_content_type 
_pdbx_audit_revision_item.item 
1 4 'Structure model' '_database_2.pdbx_DOI'                
2 4 'Structure model' '_database_2.pdbx_database_accession' 
# 
_pdbx_database_status.status_code                     REL 
_pdbx_database_status.entry_id                        348D 
_pdbx_database_status.recvd_initial_deposition_date   1997-08-29 
_pdbx_database_status.deposit_site                    NDB 
_pdbx_database_status.process_site                    NDB 
_pdbx_database_status.status_code_sf                  REL 
_pdbx_database_status.status_code_mr                  ? 
_pdbx_database_status.SG_entry                        ? 
_pdbx_database_status.pdb_format_compatible           Y 
_pdbx_database_status.status_code_cs                  ? 
_pdbx_database_status.status_code_nmr_data            ? 
_pdbx_database_status.methods_development_category    ? 
# 
loop_
_audit_author.name 
_audit_author.pdbx_ordinal 
'Luo, M.'      1 
'Finley, J.B.' 2 
# 
_citation.id                        primary 
_citation.title                     'X-ray crystal structures of half the human papilloma virus E2 binding site: d(GACCGCGGTC).' 
_citation.journal_abbrev            'Nucleic Acids Res.' 
_citation.journal_volume            26 
_citation.page_first                5719 
_citation.page_last                 5727 
_citation.year                      1998 
_citation.journal_id_ASTM           NARHAD 
_citation.country                   UK 
_citation.journal_id_ISSN           0305-1048 
_citation.journal_id_CSD            0389 
_citation.book_publisher            ? 
_citation.pdbx_database_id_PubMed   9838004 
_citation.pdbx_database_id_DOI      10.1093/nar/26.24.5719 
# 
loop_
_citation_author.citation_id 
_citation_author.name 
_citation_author.ordinal 
_citation_author.identifier_ORCID 
primary 'Finley, J.B.' 1 ? 
primary 'Luo, M.'      2 ? 
# 
loop_
_entity.id 
_entity.type 
_entity.src_method 
_entity.pdbx_description 
_entity.formula_weight 
_entity.pdbx_number_of_molecules 
_entity.pdbx_ec 
_entity.pdbx_mutation 
_entity.pdbx_fragment 
_entity.details 
1 polymer syn 
;DNA (5'-D(*GP*AP*CP*CP*GP*CP*GP*GP*TP*C)-3')
;
3045.993 1  ? ? ? ? 
2 water   nat water                                          18.015   52 ? ? ? ? 
# 
_entity_poly.entity_id                      1 
_entity_poly.type                           polydeoxyribonucleotide 
_entity_poly.nstd_linkage                   no 
_entity_poly.nstd_monomer                   no 
_entity_poly.pdbx_seq_one_letter_code       '(DG)(DA)(DC)(DC)(DG)(DC)(DG)(DG)(DT)(DC)' 
_entity_poly.pdbx_seq_one_letter_code_can   GACCGCGGTC 
_entity_poly.pdbx_strand_id                 A 
_entity_poly.pdbx_target_identifier         ? 
# 
_pdbx_entity_nonpoly.entity_id   2 
_pdbx_entity_nonpoly.name        water 
_pdbx_entity_nonpoly.comp_id     HOH 
# 
loop_
_entity_poly_seq.entity_id 
_entity_poly_seq.num 
_entity_poly_seq.mon_id 
_entity_poly_seq.hetero 
1 1  DG n 
1 2  DA n 
1 3  DC n 
1 4  DC n 
1 5  DG n 
1 6  DC n 
1 7  DG n 
1 8  DG n 
1 9  DT n 
1 10 DC n 
# 
loop_
_chem_comp.id 
_chem_comp.type 
_chem_comp.mon_nstd_flag 
_chem_comp.name 
_chem_comp.pdbx_synonyms 
_chem_comp.formula 
_chem_comp.formula_weight 
DA  'DNA linking' y "2'-DEOXYADENOSINE-5'-MONOPHOSPHATE" ? 'C10 H14 N5 O6 P' 331.222 
DC  'DNA linking' y "2'-DEOXYCYTIDINE-5'-MONOPHOSPHATE"  ? 'C9 H14 N3 O7 P'  307.197 
DG  'DNA linking' y "2'-DEOXYGUANOSINE-5'-MONOPHOSPHATE" ? 'C10 H14 N5 O7 P' 347.221 
DT  'DNA linking' y "THYMIDINE-5'-MONOPHOSPHATE"         ? 'C10 H15 N2 O8 P' 322.208 
HOH non-polymer   . WATER                                ? 'H2 O'            18.015  
# 
loop_
_pdbx_poly_seq_scheme.asym_id 
_pdbx_poly_seq_scheme.entity_id 
_pdbx_poly_seq_scheme.seq_id 
_pdbx_poly_seq_scheme.mon_id 
_pdbx_poly_seq_scheme.ndb_seq_num 
_pdbx_poly_seq_scheme.pdb_seq_num 
_pdbx_poly_seq_scheme.auth_seq_num 
_pdbx_poly_seq_scheme.pdb_mon_id 
_pdbx_poly_seq_scheme.auth_mon_id 
_pdbx_poly_seq_scheme.pdb_strand_id 
_pdbx_poly_seq_scheme.pdb_ins_code 
_pdbx_poly_seq_scheme.hetero 
A 1 1  DG 1  1  1  DG G A . n 
A 1 2  DA 2  2  2  DA A A . n 
A 1 3  DC 3  3  3  DC C A . n 
A 1 4  DC 4  4  4  DC C A . n 
A 1 5  DG 5  5  5  DG G A . n 
A 1 6  DC 6  6  6  DC C A . n 
A 1 7  DG 7  7  7  DG G A . n 
A 1 8  DG 8  8  8  DG G A . n 
A 1 9  DT 9  9  9  DT T A . n 
A 1 10 DC 10 10 10 DC C A . n 
# 
loop_
_pdbx_nonpoly_scheme.asym_id 
_pdbx_nonpoly_scheme.entity_id 
_pdbx_nonpoly_scheme.mon_id 
_pdbx_nonpoly_scheme.ndb_seq_num 
_pdbx_nonpoly_scheme.pdb_seq_num 
_pdbx_nonpoly_scheme.auth_seq_num 
_pdbx_nonpoly_scheme.pdb_mon_id 
_pdbx_nonpoly_scheme.auth_mon_id 
_pdbx_nonpoly_scheme.pdb_strand_id 
_pdbx_nonpoly_scheme.pdb_ins_code 
B 2 HOH 1  11 11 HOH HOH A . 
B 2 HOH 2  12 12 HOH HOH A . 
B 2 HOH 3  13 13 HOH HOH A . 
B 2 HOH 4  14 14 HOH HOH A . 
B 2 HOH 5  15 15 HOH HOH A . 
B 2 HOH 6  16 16 HOH HOH A . 
B 2 HOH 7  17 17 HOH HOH A . 
B 2 HOH 8  18 18 HOH HOH A . 
B 2 HOH 9  19 19 HOH HOH A . 
B 2 HOH 10 20 20 HOH HOH A . 
B 2 HOH 11 21 21 HOH HOH A . 
B 2 HOH 12 22 22 HOH HOH A . 
B 2 HOH 13 23 23 HOH HOH A . 
B 2 HOH 14 24 24 HOH HOH A . 
B 2 HOH 15 25 25 HOH HOH A . 
B 2 HOH 16 26 26 HOH HOH A . 
B 2 HOH 17 27 27 HOH HOH A . 
B 2 HOH 18 28 28 HOH HOH A . 
B 2 HOH 19 29 29 HOH HOH A . 
B 2 HOH 20 30 30 HOH HOH A . 
B 2 HOH 21 31 31 HOH HOH A . 
B 2 HOH 22 32 32 HOH HOH A . 
B 2 HOH 23 33 33 HOH HOH A . 
B 2 HOH 24 34 34 HOH HOH A . 
B 2 HOH 25 35 35 HOH HOH A . 
B 2 HOH 26 36 36 HOH HOH A . 
B 2 HOH 27 37 37 HOH HOH A . 
B 2 HOH 28 38 38 HOH HOH A . 
B 2 HOH 29 39 39 HOH HOH A . 
B 2 HOH 30 40 40 HOH HOH A . 
B 2 HOH 31 41 41 HOH HOH A . 
B 2 HOH 32 42 42 HOH HOH A . 
B 2 HOH 33 43 43 HOH HOH A . 
B 2 HOH 34 44 44 HOH HOH A . 
B 2 HOH 35 45 45 HOH HOH A . 
B 2 HOH 36 46 46 HOH HOH A . 
B 2 HOH 37 47 47 HOH HOH A . 
B 2 HOH 38 48 48 HOH HOH A . 
B 2 HOH 39 49 49 HOH HOH A . 
B 2 HOH 40 50 50 HOH HOH A . 
B 2 HOH 41 51 51 HOH HOH A . 
B 2 HOH 42 52 52 HOH HOH A . 
B 2 HOH 43 53 53 HOH HOH A . 
B 2 HOH 44 54 54 HOH HOH A . 
B 2 HOH 45 55 55 HOH HOH A . 
B 2 HOH 46 56 56 HOH HOH A . 
B 2 HOH 47 57 57 HOH HOH A . 
B 2 HOH 48 58 58 HOH HOH A . 
B 2 HOH 49 59 59 HOH HOH A . 
B 2 HOH 50 60 60 HOH HOH A . 
B 2 HOH 51 61 61 HOH HOH A . 
B 2 HOH 52 62 62 HOH HOH A . 
# 
loop_
_software.name 
_software.classification 
_software.version 
_software.citation_id 
_software.pdbx_ordinal 
X-PLOR refinement       . ? 1 
XENGEN 'data reduction' . ? 2 
# 
_cell.entry_id           348D 
_cell.length_a           38.606 
_cell.length_b           38.606 
_cell.length_c           80.573 
_cell.angle_alpha        90.00 
_cell.angle_beta         90.00 
_cell.angle_gamma        120.00 
_cell.Z_PDB              12 
_cell.pdbx_unique_axis   ? 
# 
_symmetry.entry_id                         348D 
_symmetry.space_group_name_H-M             'P 61 2 2' 
_symmetry.pdbx_full_space_group_name_H-M   ? 
_symmetry.cell_setting                     ? 
_symmetry.Int_Tables_number                178 
# 
_exptl.entry_id          348D 
_exptl.method            'X-RAY DIFFRACTION' 
_exptl.crystals_number   ? 
# 
_exptl_crystal.id                    1 
_exptl_crystal.density_meas          ? 
_exptl_crystal.density_Matthews      2.72 
_exptl_crystal.density_percent_sol   56.0000 
_exptl_crystal.description           ? 
# 
_exptl_crystal_grow.crystal_id      1 
_exptl_crystal_grow.method          'VAPOR DIFFUSION' 
_exptl_crystal_grow.temp            ? 
_exptl_crystal_grow.temp_details    ? 
_exptl_crystal_grow.pH              ? 
_exptl_crystal_grow.pdbx_details    'VAPOR DIFFUSION' 
_exptl_crystal_grow.pdbx_pH_range   ? 
# 
loop_
_exptl_crystal_grow_comp.crystal_id 
_exptl_crystal_grow_comp.id 
_exptl_crystal_grow_comp.sol_id 
_exptl_crystal_grow_comp.name 
_exptl_crystal_grow_comp.volume 
_exptl_crystal_grow_comp.conc 
_exptl_crystal_grow_comp.details 
1 1 1 WATER    ? ? ? 
1 2 1 MGCL2    ? ? ? 
1 3 1 SPERMINE ? ? ? 
# 
_diffrn.id                     1 
_diffrn.crystal_id             1 
_diffrn.ambient_temp           ? 
_diffrn.ambient_temp_details   ? 
# 
_diffrn_detector.diffrn_id              1 
_diffrn_detector.detector               'AREA DETECTOR' 
_diffrn_detector.type                   'SIEMENS HI-STAR' 
_diffrn_detector.pdbx_collection_date   1996-01-05 
_diffrn_detector.details                ? 
# 
_diffrn_radiation.diffrn_id                        1 
_diffrn_radiation.wavelength_id                    1 
_diffrn_radiation.pdbx_monochromatic_or_laue_m_l   M 
_diffrn_radiation.monochromator                    ? 
_diffrn_radiation.pdbx_diffrn_protocol             'SINGLE WAVELENGTH' 
_diffrn_radiation.pdbx_scattering_type             x-ray 
# 
_diffrn_radiation_wavelength.id           1 
_diffrn_radiation_wavelength.wavelength   . 
_diffrn_radiation_wavelength.wt           1.0 
# 
_diffrn_source.diffrn_id                   1 
_diffrn_source.source                      ? 
_diffrn_source.type                        ? 
_diffrn_source.pdbx_synchrotron_site       ? 
_diffrn_source.pdbx_synchrotron_beamline   ? 
_diffrn_source.pdbx_wavelength             ? 
_diffrn_source.pdbx_wavelength_list        ? 
# 
_reflns.entry_id                     348D 
_reflns.observed_criterion_sigma_I   3.000 
_reflns.observed_criterion_sigma_F   ? 
_reflns.d_resolution_low             ? 
_reflns.d_resolution_high            ? 
_reflns.number_obs                   4447 
_reflns.number_all                   ? 
_reflns.percent_possible_obs         97.000 
_reflns.pdbx_Rmerge_I_obs            0.0520000 
_reflns.pdbx_Rsym_value              ? 
_reflns.pdbx_netI_over_sigmaI        ? 
_reflns.B_iso_Wilson_estimate        ? 
_reflns.pdbx_redundancy              ? 
_reflns.pdbx_diffrn_id               1 
_reflns.pdbx_ordinal                 1 
# 
_refine.entry_id                                 348D 
_refine.ls_number_reflns_obs                     4447 
_refine.ls_number_reflns_all                     ? 
_refine.pdbx_ls_sigma_I                          ? 
_refine.pdbx_ls_sigma_F                          2.000 
_refine.pdbx_data_cutoff_high_absF               ? 
_refine.pdbx_data_cutoff_low_absF                ? 
_refine.pdbx_data_cutoff_high_rms_absF           ? 
_refine.ls_d_res_low                             5.000 
_refine.ls_d_res_high                            1.700 
_refine.ls_percent_reflns_obs                    ? 
_refine.ls_R_factor_obs                          0.1900000 
_refine.ls_R_factor_all                          ? 
_refine.ls_R_factor_R_work                       0.1900000 
_refine.ls_R_factor_R_free                       0.2100000 
_refine.ls_R_factor_R_free_error                 ? 
_refine.ls_R_factor_R_free_error_details         ? 
_refine.ls_percent_reflns_R_free                 ? 
_refine.ls_number_reflns_R_free                  ? 
_refine.ls_number_parameters                     ? 
_refine.ls_number_restraints                     ? 
_refine.occupancy_min                            ? 
_refine.occupancy_max                            ? 
_refine.B_iso_mean                               ? 
_refine.aniso_B[1][1]                            ? 
_refine.aniso_B[2][2]                            ? 
_refine.aniso_B[3][3]                            ? 
_refine.aniso_B[1][2]                            ? 
_refine.aniso_B[1][3]                            ? 
_refine.aniso_B[2][3]                            ? 
_refine.solvent_model_details                    ? 
_refine.solvent_model_param_ksol                 ? 
_refine.solvent_model_param_bsol                 ? 
_refine.pdbx_ls_cross_valid_method               ? 
_refine.details                                  ? 
_refine.pdbx_starting_model                      ? 
_refine.pdbx_method_to_determine_struct          ? 
_refine.pdbx_isotropic_thermal_model             ? 
_refine.pdbx_stereochemistry_target_values       ? 
_refine.pdbx_stereochem_target_val_spec_case     ? 
_refine.pdbx_R_Free_selection_details            ? 
_refine.pdbx_overall_ESU_R                       ? 
_refine.pdbx_overall_ESU_R_Free                  ? 
_refine.overall_SU_ML                            ? 
_refine.overall_SU_B                             ? 
_refine.pdbx_refine_id                           'X-RAY DIFFRACTION' 
_refine.pdbx_diffrn_id                           1 
_refine.pdbx_TLS_residual_ADP_flag               ? 
_refine.correlation_coeff_Fo_to_Fc               ? 
_refine.correlation_coeff_Fo_to_Fc_free          ? 
_refine.pdbx_solvent_vdw_probe_radii             ? 
_refine.pdbx_solvent_ion_probe_radii             ? 
_refine.pdbx_solvent_shrinkage_radii             ? 
_refine.pdbx_overall_phase_error                 ? 
_refine.overall_SU_R_Cruickshank_DPI             ? 
_refine.pdbx_overall_SU_R_free_Cruickshank_DPI   ? 
_refine.pdbx_overall_SU_R_Blow_DPI               ? 
_refine.pdbx_overall_SU_R_free_Blow_DPI          ? 
# 
_refine_hist.pdbx_refine_id                   'X-RAY DIFFRACTION' 
_refine_hist.cycle_id                         LAST 
_refine_hist.pdbx_number_atoms_protein        0 
_refine_hist.pdbx_number_atoms_nucleic_acid   227 
_refine_hist.pdbx_number_atoms_ligand         0 
_refine_hist.number_atoms_solvent             156 
_refine_hist.number_atoms_total               383 
_refine_hist.d_res_high                       1.700 
_refine_hist.d_res_low                        5.000 
# 
loop_
_refine_ls_restr.type 
_refine_ls_restr.dev_ideal 
_refine_ls_restr.dev_ideal_target 
_refine_ls_restr.weight 
_refine_ls_restr.number 
_refine_ls_restr.pdbx_refine_id 
_refine_ls_restr.pdbx_restraint_function 
x_bond_d                0.009 ? ? ? 'X-RAY DIFFRACTION' ? 
x_bond_d_na             ?     ? ? ? 'X-RAY DIFFRACTION' ? 
x_bond_d_prot           ?     ? ? ? 'X-RAY DIFFRACTION' ? 
x_angle_d               ?     ? ? ? 'X-RAY DIFFRACTION' ? 
x_angle_d_na            ?     ? ? ? 'X-RAY DIFFRACTION' ? 
x_angle_d_prot          ?     ? ? ? 'X-RAY DIFFRACTION' ? 
x_angle_deg             1.64  ? ? ? 'X-RAY DIFFRACTION' ? 
x_angle_deg_na          ?     ? ? ? 'X-RAY DIFFRACTION' ? 
x_angle_deg_prot        ?     ? ? ? 'X-RAY DIFFRACTION' ? 
x_dihedral_angle_d      ?     ? ? ? 'X-RAY DIFFRACTION' ? 
x_dihedral_angle_d_na   ?     ? ? ? 'X-RAY DIFFRACTION' ? 
x_dihedral_angle_d_prot ?     ? ? ? 'X-RAY DIFFRACTION' ? 
x_improper_angle_d      ?     ? ? ? 'X-RAY DIFFRACTION' ? 
x_improper_angle_d_na   ?     ? ? ? 'X-RAY DIFFRACTION' ? 
x_improper_angle_d_prot ?     ? ? ? 'X-RAY DIFFRACTION' ? 
x_mcbond_it             ?     ? ? ? 'X-RAY DIFFRACTION' ? 
x_mcangle_it            ?     ? ? ? 'X-RAY DIFFRACTION' ? 
x_scbond_it             ?     ? ? ? 'X-RAY DIFFRACTION' ? 
x_scangle_it            ?     ? ? ? 'X-RAY DIFFRACTION' ? 
# 
_pdbx_xplor_file.serial_no        1 
_pdbx_xplor_file.param_file       PARAM_NDBX_HIGH.DNA 
_pdbx_xplor_file.topol_file       TOP_NDBX.DNA 
_pdbx_xplor_file.pdbx_refine_id   'X-RAY DIFFRACTION' 
# 
_struct.entry_id                  348D 
_struct.title                     'X-RAY CRYSTAL STRUCTURES OF THE DECAMER DGACCGCGGTC: LOW SALT CONCENTRATION' 
_struct.pdbx_model_details        ? 
_struct.pdbx_CASP_flag            ? 
_struct.pdbx_model_type_details   ? 
# 
_struct_keywords.entry_id        348D 
_struct_keywords.pdbx_keywords   DNA 
_struct_keywords.text            'A-DNA, DOUBLE HELIX, DNA' 
# 
loop_
_struct_asym.id 
_struct_asym.pdbx_blank_PDB_chainid_flag 
_struct_asym.pdbx_modified 
_struct_asym.entity_id 
_struct_asym.details 
A N N 1 ? 
B N N 2 ? 
# 
_struct_ref.id                         1 
_struct_ref.entity_id                  1 
_struct_ref.db_name                    PDB 
_struct_ref.db_code                    348D 
_struct_ref.pdbx_db_accession          348D 
_struct_ref.pdbx_db_isoform            ? 
_struct_ref.pdbx_seq_one_letter_code   ? 
_struct_ref.pdbx_align_begin           ? 
# 
_struct_ref_seq.align_id                      1 
_struct_ref_seq.ref_id                        1 
_struct_ref_seq.pdbx_PDB_id_code              348D 
_struct_ref_seq.pdbx_strand_id                A 
_struct_ref_seq.seq_align_beg                 1 
_struct_ref_seq.pdbx_seq_align_beg_ins_code   ? 
_struct_ref_seq.seq_align_end                 10 
_struct_ref_seq.pdbx_seq_align_end_ins_code   ? 
_struct_ref_seq.pdbx_db_accession             348D 
_struct_ref_seq.db_align_beg                  1 
_struct_ref_seq.pdbx_db_align_beg_ins_code    ? 
_struct_ref_seq.db_align_end                  10 
_struct_ref_seq.pdbx_db_align_end_ins_code    ? 
_struct_ref_seq.pdbx_auth_seq_align_beg       1 
_struct_ref_seq.pdbx_auth_seq_align_end       10 
# 
_pdbx_struct_assembly.id                   1 
_pdbx_struct_assembly.details              author_defined_assembly 
_pdbx_struct_assembly.method_details       ? 
_pdbx_struct_assembly.oligomeric_details   dimeric 
_pdbx_struct_assembly.oligomeric_count     2 
# 
_pdbx_struct_assembly_gen.assembly_id       1 
_pdbx_struct_assembly_gen.oper_expression   1,2 
_pdbx_struct_assembly_gen.asym_id_list      A,B 
# 
loop_
_pdbx_struct_oper_list.id 
_pdbx_struct_oper_list.type 
_pdbx_struct_oper_list.name 
_pdbx_struct_oper_list.symmetry_operation 
_pdbx_struct_oper_list.matrix[1][1] 
_pdbx_struct_oper_list.matrix[1][2] 
_pdbx_struct_oper_list.matrix[1][3] 
_pdbx_struct_oper_list.vector[1] 
_pdbx_struct_oper_list.matrix[2][1] 
_pdbx_struct_oper_list.matrix[2][2] 
_pdbx_struct_oper_list.matrix[2][3] 
_pdbx_struct_oper_list.vector[2] 
_pdbx_struct_oper_list.matrix[3][1] 
_pdbx_struct_oper_list.matrix[3][2] 
_pdbx_struct_oper_list.matrix[3][3] 
_pdbx_struct_oper_list.vector[3] 
1 'identity operation'         1_555  x,y,z           1.0000000000  0.0000000000 0.0000000000 0.0000000000  0.0000000000 1.0000000000  0.0000000000 0.0000000000  0.0000000000 0.0000000000 1.0000000000 0.0000000000 
2 'crystal symmetry operation' 11_655 -x+y+1,y,-z+1/2 -0.8531548809 0.1886723711 0.4863429710 -0.8438001971 0.1886723711 -0.7575863341 0.6248725332 -6.3255191902 0.4863429710 0.6248725332 0.6107412151 2.7087029587 
# 
_struct_biol.id   1 
# 
loop_
_struct_conn.id 
_struct_conn.conn_type_id 
_struct_conn.pdbx_leaving_atom_flag 
_struct_conn.pdbx_PDB_id 
_struct_conn.ptnr1_label_asym_id 
_struct_conn.ptnr1_label_comp_id 
_struct_conn.ptnr1_label_seq_id 
_struct_conn.ptnr1_label_atom_id 
_struct_conn.pdbx_ptnr1_label_alt_id 
_struct_conn.pdbx_ptnr1_PDB_ins_code 
_struct_conn.pdbx_ptnr1_standard_comp_id 
_struct_conn.ptnr1_symmetry 
_struct_conn.ptnr2_label_asym_id 
_struct_conn.ptnr2_label_comp_id 
_struct_conn.ptnr2_label_seq_id 
_struct_conn.ptnr2_label_atom_id 
_struct_conn.pdbx_ptnr2_label_alt_id 
_struct_conn.pdbx_ptnr2_PDB_ins_code 
_struct_conn.ptnr1_auth_asym_id 
_struct_conn.ptnr1_auth_comp_id 
_struct_conn.ptnr1_auth_seq_id 
_struct_conn.ptnr2_auth_asym_id 
_struct_conn.ptnr2_auth_comp_id 
_struct_conn.ptnr2_auth_seq_id 
_struct_conn.ptnr2_symmetry 
_struct_conn.pdbx_ptnr3_label_atom_id 
_struct_conn.pdbx_ptnr3_label_seq_id 
_struct_conn.pdbx_ptnr3_label_comp_id 
_struct_conn.pdbx_ptnr3_label_asym_id 
_struct_conn.pdbx_ptnr3_label_alt_id 
_struct_conn.pdbx_ptnr3_PDB_ins_code 
_struct_conn.details 
_struct_conn.pdbx_dist_value 
_struct_conn.pdbx_value_order 
_struct_conn.pdbx_role 
hydrog1  hydrog ? ? A DG 1  N1 ? ? ? 1_555 A DC 10 N3 ? ? A DG 1  A DC 10 11_655 ? ? ? ? ? ? WATSON-CRICK ? ? ? 
hydrog2  hydrog ? ? A DG 1  N2 ? ? ? 1_555 A DC 10 O2 ? ? A DG 1  A DC 10 11_655 ? ? ? ? ? ? WATSON-CRICK ? ? ? 
hydrog3  hydrog ? ? A DG 1  O6 ? ? ? 1_555 A DC 10 N4 ? ? A DG 1  A DC 10 11_655 ? ? ? ? ? ? WATSON-CRICK ? ? ? 
hydrog4  hydrog ? ? A DA 2  N1 ? ? ? 1_555 A DT 9  N3 ? ? A DA 2  A DT 9  11_655 ? ? ? ? ? ? WATSON-CRICK ? ? ? 
hydrog5  hydrog ? ? A DA 2  N6 ? ? ? 1_555 A DT 9  O4 ? ? A DA 2  A DT 9  11_655 ? ? ? ? ? ? WATSON-CRICK ? ? ? 
hydrog6  hydrog ? ? A DC 3  N3 ? ? ? 1_555 A DG 8  N1 ? ? A DC 3  A DG 8  11_655 ? ? ? ? ? ? WATSON-CRICK ? ? ? 
hydrog7  hydrog ? ? A DC 3  N4 ? ? ? 1_555 A DG 8  O6 ? ? A DC 3  A DG 8  11_655 ? ? ? ? ? ? WATSON-CRICK ? ? ? 
hydrog8  hydrog ? ? A DC 3  O2 ? ? ? 1_555 A DG 8  N2 ? ? A DC 3  A DG 8  11_655 ? ? ? ? ? ? WATSON-CRICK ? ? ? 
hydrog9  hydrog ? ? A DC 4  N3 ? ? ? 1_555 A DG 7  N1 ? ? A DC 4  A DG 7  11_655 ? ? ? ? ? ? WATSON-CRICK ? ? ? 
hydrog10 hydrog ? ? A DC 4  N4 ? ? ? 1_555 A DG 7  O6 ? ? A DC 4  A DG 7  11_655 ? ? ? ? ? ? WATSON-CRICK ? ? ? 
hydrog11 hydrog ? ? A DC 4  O2 ? ? ? 1_555 A DG 7  N2 ? ? A DC 4  A DG 7  11_655 ? ? ? ? ? ? WATSON-CRICK ? ? ? 
hydrog12 hydrog ? ? A DG 5  N1 ? ? ? 1_555 A DC 6  N3 ? ? A DG 5  A DC 6  11_655 ? ? ? ? ? ? WATSON-CRICK ? ? ? 
hydrog13 hydrog ? ? A DG 5  N2 ? ? ? 1_555 A DC 6  O2 ? ? A DG 5  A DC 6  11_655 ? ? ? ? ? ? WATSON-CRICK ? ? ? 
hydrog14 hydrog ? ? A DG 5  O6 ? ? ? 1_555 A DC 6  N4 ? ? A DG 5  A DC 6  11_655 ? ? ? ? ? ? WATSON-CRICK ? ? ? 
hydrog15 hydrog ? ? A DC 6  N3 ? ? ? 1_555 A DG 5  N1 ? ? A DC 6  A DG 5  11_655 ? ? ? ? ? ? WATSON-CRICK ? ? ? 
hydrog16 hydrog ? ? A DC 6  N4 ? ? ? 1_555 A DG 5  O6 ? ? A DC 6  A DG 5  11_655 ? ? ? ? ? ? WATSON-CRICK ? ? ? 
hydrog17 hydrog ? ? A DC 6  O2 ? ? ? 1_555 A DG 5  N2 ? ? A DC 6  A DG 5  11_655 ? ? ? ? ? ? WATSON-CRICK ? ? ? 
hydrog18 hydrog ? ? A DG 7  N1 ? ? ? 1_555 A DC 4  N3 ? ? A DG 7  A DC 4  11_655 ? ? ? ? ? ? WATSON-CRICK ? ? ? 
hydrog19 hydrog ? ? A DG 7  N2 ? ? ? 1_555 A DC 4  O2 ? ? A DG 7  A DC 4  11_655 ? ? ? ? ? ? WATSON-CRICK ? ? ? 
hydrog20 hydrog ? ? A DG 7  O6 ? ? ? 1_555 A DC 4  N4 ? ? A DG 7  A DC 4  11_655 ? ? ? ? ? ? WATSON-CRICK ? ? ? 
hydrog21 hydrog ? ? A DG 8  N1 ? ? ? 1_555 A DC 3  N3 ? ? A DG 8  A DC 3  11_655 ? ? ? ? ? ? WATSON-CRICK ? ? ? 
hydrog22 hydrog ? ? A DG 8  N2 ? ? ? 1_555 A DC 3  O2 ? ? A DG 8  A DC 3  11_655 ? ? ? ? ? ? WATSON-CRICK ? ? ? 
hydrog23 hydrog ? ? A DG 8  O6 ? ? ? 1_555 A DC 3  N4 ? ? A DG 8  A DC 3  11_655 ? ? ? ? ? ? WATSON-CRICK ? ? ? 
hydrog24 hydrog ? ? A DT 9  N3 ? ? ? 1_555 A DA 2  N1 ? ? A DT 9  A DA 2  11_655 ? ? ? ? ? ? WATSON-CRICK ? ? ? 
hydrog25 hydrog ? ? A DT 9  O4 ? ? ? 1_555 A DA 2  N6 ? ? A DT 9  A DA 2  11_655 ? ? ? ? ? ? WATSON-CRICK ? ? ? 
hydrog26 hydrog ? ? A DC 10 N3 ? ? ? 1_555 A DG 1  N1 ? ? A DC 10 A DG 1  11_655 ? ? ? ? ? ? WATSON-CRICK ? ? ? 
hydrog27 hydrog ? ? A DC 10 N4 ? ? ? 1_555 A DG 1  O6 ? ? A DC 10 A DG 1  11_655 ? ? ? ? ? ? WATSON-CRICK ? ? ? 
hydrog28 hydrog ? ? A DC 10 O2 ? ? ? 1_555 A DG 1  N2 ? ? A DC 10 A DG 1  11_655 ? ? ? ? ? ? WATSON-CRICK ? ? ? 
# 
_struct_conn_type.id          hydrog 
_struct_conn_type.criteria    ? 
_struct_conn_type.reference   ? 
# 
_pdbx_validate_close_contact.id               1 
_pdbx_validate_close_contact.PDB_model_num    1 
_pdbx_validate_close_contact.auth_atom_id_1   H61 
_pdbx_validate_close_contact.auth_asym_id_1   A 
_pdbx_validate_close_contact.auth_comp_id_1   DA 
_pdbx_validate_close_contact.auth_seq_id_1    2 
_pdbx_validate_close_contact.PDB_ins_code_1   ? 
_pdbx_validate_close_contact.label_alt_id_1   ? 
_pdbx_validate_close_contact.auth_atom_id_2   H1 
_pdbx_validate_close_contact.auth_asym_id_2   A 
_pdbx_validate_close_contact.auth_comp_id_2   HOH 
_pdbx_validate_close_contact.auth_seq_id_2    55 
_pdbx_validate_close_contact.PDB_ins_code_2   ? 
_pdbx_validate_close_contact.label_alt_id_2   ? 
_pdbx_validate_close_contact.dist             1.28 
# 
loop_
_refine_B_iso.class 
_refine_B_iso.details 
_refine_B_iso.treatment 
_refine_B_iso.pdbx_refine_id 
'ALL ATOMS'  TR isotropic 'X-RAY DIFFRACTION' 
'ALL WATERS' TR isotropic 'X-RAY DIFFRACTION' 
# 
loop_
_refine_occupancy.class 
_refine_occupancy.treatment 
_refine_occupancy.pdbx_refine_id 
'ALL ATOMS'  fix 'X-RAY DIFFRACTION' 
'ALL WATERS' fix 'X-RAY DIFFRACTION' 
# 
loop_
_chem_comp_atom.comp_id 
_chem_comp_atom.atom_id 
_chem_comp_atom.type_symbol 
_chem_comp_atom.pdbx_aromatic_flag 
_chem_comp_atom.pdbx_stereo_config 
_chem_comp_atom.pdbx_ordinal 
DA  OP3    O N N 1   
DA  P      P N N 2   
DA  OP1    O N N 3   
DA  OP2    O N N 4   
DA  "O5'"  O N N 5   
DA  "C5'"  C N N 6   
DA  "C4'"  C N R 7   
DA  "O4'"  O N N 8   
DA  "C3'"  C N S 9   
DA  "O3'"  O N N 10  
DA  "C2'"  C N N 11  
DA  "C1'"  C N R 12  
DA  N9     N Y N 13  
DA  C8     C Y N 14  
DA  N7     N Y N 15  
DA  C5     C Y N 16  
DA  C6     C Y N 17  
DA  N6     N N N 18  
DA  N1     N Y N 19  
DA  C2     C Y N 20  
DA  N3     N Y N 21  
DA  C4     C Y N 22  
DA  HOP3   H N N 23  
DA  HOP2   H N N 24  
DA  "H5'"  H N N 25  
DA  "H5''" H N N 26  
DA  "H4'"  H N N 27  
DA  "H3'"  H N N 28  
DA  "HO3'" H N N 29  
DA  "H2'"  H N N 30  
DA  "H2''" H N N 31  
DA  "H1'"  H N N 32  
DA  H8     H N N 33  
DA  H61    H N N 34  
DA  H62    H N N 35  
DA  H2     H N N 36  
DC  OP3    O N N 37  
DC  P      P N N 38  
DC  OP1    O N N 39  
DC  OP2    O N N 40  
DC  "O5'"  O N N 41  
DC  "C5'"  C N N 42  
DC  "C4'"  C N R 43  
DC  "O4'"  O N N 44  
DC  "C3'"  C N S 45  
DC  "O3'"  O N N 46  
DC  "C2'"  C N N 47  
DC  "C1'"  C N R 48  
DC  N1     N N N 49  
DC  C2     C N N 50  
DC  O2     O N N 51  
DC  N3     N N N 52  
DC  C4     C N N 53  
DC  N4     N N N 54  
DC  C5     C N N 55  
DC  C6     C N N 56  
DC  HOP3   H N N 57  
DC  HOP2   H N N 58  
DC  "H5'"  H N N 59  
DC  "H5''" H N N 60  
DC  "H4'"  H N N 61  
DC  "H3'"  H N N 62  
DC  "HO3'" H N N 63  
DC  "H2'"  H N N 64  
DC  "H2''" H N N 65  
DC  "H1'"  H N N 66  
DC  H41    H N N 67  
DC  H42    H N N 68  
DC  H5     H N N 69  
DC  H6     H N N 70  
DG  OP3    O N N 71  
DG  P      P N N 72  
DG  OP1    O N N 73  
DG  OP2    O N N 74  
DG  "O5'"  O N N 75  
DG  "C5'"  C N N 76  
DG  "C4'"  C N R 77  
DG  "O4'"  O N N 78  
DG  "C3'"  C N S 79  
DG  "O3'"  O N N 80  
DG  "C2'"  C N N 81  
DG  "C1'"  C N R 82  
DG  N9     N Y N 83  
DG  C8     C Y N 84  
DG  N7     N Y N 85  
DG  C5     C Y N 86  
DG  C6     C N N 87  
DG  O6     O N N 88  
DG  N1     N N N 89  
DG  C2     C N N 90  
DG  N2     N N N 91  
DG  N3     N N N 92  
DG  C4     C Y N 93  
DG  HOP3   H N N 94  
DG  HOP2   H N N 95  
DG  "H5'"  H N N 96  
DG  "H5''" H N N 97  
DG  "H4'"  H N N 98  
DG  "H3'"  H N N 99  
DG  "HO3'" H N N 100 
DG  "H2'"  H N N 101 
DG  "H2''" H N N 102 
DG  "H1'"  H N N 103 
DG  H8     H N N 104 
DG  H1     H N N 105 
DG  H21    H N N 106 
DG  H22    H N N 107 
DT  OP3    O N N 108 
DT  P      P N N 109 
DT  OP1    O N N 110 
DT  OP2    O N N 111 
DT  "O5'"  O N N 112 
DT  "C5'"  C N N 113 
DT  "C4'"  C N R 114 
DT  "O4'"  O N N 115 
DT  "C3'"  C N S 116 
DT  "O3'"  O N N 117 
DT  "C2'"  C N N 118 
DT  "C1'"  C N R 119 
DT  N1     N N N 120 
DT  C2     C N N 121 
DT  O2     O N N 122 
DT  N3     N N N 123 
DT  C4     C N N 124 
DT  O4     O N N 125 
DT  C5     C N N 126 
DT  C7     C N N 127 
DT  C6     C N N 128 
DT  HOP3   H N N 129 
DT  HOP2   H N N 130 
DT  "H5'"  H N N 131 
DT  "H5''" H N N 132 
DT  "H4'"  H N N 133 
DT  "H3'"  H N N 134 
DT  "HO3'" H N N 135 
DT  "H2'"  H N N 136 
DT  "H2''" H N N 137 
DT  "H1'"  H N N 138 
DT  H3     H N N 139 
DT  H71    H N N 140 
DT  H72    H N N 141 
DT  H73    H N N 142 
DT  H6     H N N 143 
HOH O      O N N 144 
HOH H1     H N N 145 
HOH H2     H N N 146 
# 
loop_
_chem_comp_bond.comp_id 
_chem_comp_bond.atom_id_1 
_chem_comp_bond.atom_id_2 
_chem_comp_bond.value_order 
_chem_comp_bond.pdbx_aromatic_flag 
_chem_comp_bond.pdbx_stereo_config 
_chem_comp_bond.pdbx_ordinal 
DA  OP3   P      sing N N 1   
DA  OP3   HOP3   sing N N 2   
DA  P     OP1    doub N N 3   
DA  P     OP2    sing N N 4   
DA  P     "O5'"  sing N N 5   
DA  OP2   HOP2   sing N N 6   
DA  "O5'" "C5'"  sing N N 7   
DA  "C5'" "C4'"  sing N N 8   
DA  "C5'" "H5'"  sing N N 9   
DA  "C5'" "H5''" sing N N 10  
DA  "C4'" "O4'"  sing N N 11  
DA  "C4'" "C3'"  sing N N 12  
DA  "C4'" "H4'"  sing N N 13  
DA  "O4'" "C1'"  sing N N 14  
DA  "C3'" "O3'"  sing N N 15  
DA  "C3'" "C2'"  sing N N 16  
DA  "C3'" "H3'"  sing N N 17  
DA  "O3'" "HO3'" sing N N 18  
DA  "C2'" "C1'"  sing N N 19  
DA  "C2'" "H2'"  sing N N 20  
DA  "C2'" "H2''" sing N N 21  
DA  "C1'" N9     sing N N 22  
DA  "C1'" "H1'"  sing N N 23  
DA  N9    C8     sing Y N 24  
DA  N9    C4     sing Y N 25  
DA  C8    N7     doub Y N 26  
DA  C8    H8     sing N N 27  
DA  N7    C5     sing Y N 28  
DA  C5    C6     sing Y N 29  
DA  C5    C4     doub Y N 30  
DA  C6    N6     sing N N 31  
DA  C6    N1     doub Y N 32  
DA  N6    H61    sing N N 33  
DA  N6    H62    sing N N 34  
DA  N1    C2     sing Y N 35  
DA  C2    N3     doub Y N 36  
DA  C2    H2     sing N N 37  
DA  N3    C4     sing Y N 38  
DC  OP3   P      sing N N 39  
DC  OP3   HOP3   sing N N 40  
DC  P     OP1    doub N N 41  
DC  P     OP2    sing N N 42  
DC  P     "O5'"  sing N N 43  
DC  OP2   HOP2   sing N N 44  
DC  "O5'" "C5'"  sing N N 45  
DC  "C5'" "C4'"  sing N N 46  
DC  "C5'" "H5'"  sing N N 47  
DC  "C5'" "H5''" sing N N 48  
DC  "C4'" "O4'"  sing N N 49  
DC  "C4'" "C3'"  sing N N 50  
DC  "C4'" "H4'"  sing N N 51  
DC  "O4'" "C1'"  sing N N 52  
DC  "C3'" "O3'"  sing N N 53  
DC  "C3'" "C2'"  sing N N 54  
DC  "C3'" "H3'"  sing N N 55  
DC  "O3'" "HO3'" sing N N 56  
DC  "C2'" "C1'"  sing N N 57  
DC  "C2'" "H2'"  sing N N 58  
DC  "C2'" "H2''" sing N N 59  
DC  "C1'" N1     sing N N 60  
DC  "C1'" "H1'"  sing N N 61  
DC  N1    C2     sing N N 62  
DC  N1    C6     sing N N 63  
DC  C2    O2     doub N N 64  
DC  C2    N3     sing N N 65  
DC  N3    C4     doub N N 66  
DC  C4    N4     sing N N 67  
DC  C4    C5     sing N N 68  
DC  N4    H41    sing N N 69  
DC  N4    H42    sing N N 70  
DC  C5    C6     doub N N 71  
DC  C5    H5     sing N N 72  
DC  C6    H6     sing N N 73  
DG  OP3   P      sing N N 74  
DG  OP3   HOP3   sing N N 75  
DG  P     OP1    doub N N 76  
DG  P     OP2    sing N N 77  
DG  P     "O5'"  sing N N 78  
DG  OP2   HOP2   sing N N 79  
DG  "O5'" "C5'"  sing N N 80  
DG  "C5'" "C4'"  sing N N 81  
DG  "C5'" "H5'"  sing N N 82  
DG  "C5'" "H5''" sing N N 83  
DG  "C4'" "O4'"  sing N N 84  
DG  "C4'" "C3'"  sing N N 85  
DG  "C4'" "H4'"  sing N N 86  
DG  "O4'" "C1'"  sing N N 87  
DG  "C3'" "O3'"  sing N N 88  
DG  "C3'" "C2'"  sing N N 89  
DG  "C3'" "H3'"  sing N N 90  
DG  "O3'" "HO3'" sing N N 91  
DG  "C2'" "C1'"  sing N N 92  
DG  "C2'" "H2'"  sing N N 93  
DG  "C2'" "H2''" sing N N 94  
DG  "C1'" N9     sing N N 95  
DG  "C1'" "H1'"  sing N N 96  
DG  N9    C8     sing Y N 97  
DG  N9    C4     sing Y N 98  
DG  C8    N7     doub Y N 99  
DG  C8    H8     sing N N 100 
DG  N7    C5     sing Y N 101 
DG  C5    C6     sing N N 102 
DG  C5    C4     doub Y N 103 
DG  C6    O6     doub N N 104 
DG  C6    N1     sing N N 105 
DG  N1    C2     sing N N 106 
DG  N1    H1     sing N N 107 
DG  C2    N2     sing N N 108 
DG  C2    N3     doub N N 109 
DG  N2    H21    sing N N 110 
DG  N2    H22    sing N N 111 
DG  N3    C4     sing N N 112 
DT  OP3   P      sing N N 113 
DT  OP3   HOP3   sing N N 114 
DT  P     OP1    doub N N 115 
DT  P     OP2    sing N N 116 
DT  P     "O5'"  sing N N 117 
DT  OP2   HOP2   sing N N 118 
DT  "O5'" "C5'"  sing N N 119 
DT  "C5'" "C4'"  sing N N 120 
DT  "C5'" "H5'"  sing N N 121 
DT  "C5'" "H5''" sing N N 122 
DT  "C4'" "O4'"  sing N N 123 
DT  "C4'" "C3'"  sing N N 124 
DT  "C4'" "H4'"  sing N N 125 
DT  "O4'" "C1'"  sing N N 126 
DT  "C3'" "O3'"  sing N N 127 
DT  "C3'" "C2'"  sing N N 128 
DT  "C3'" "H3'"  sing N N 129 
DT  "O3'" "HO3'" sing N N 130 
DT  "C2'" "C1'"  sing N N 131 
DT  "C2'" "H2'"  sing N N 132 
DT  "C2'" "H2''" sing N N 133 
DT  "C1'" N1     sing N N 134 
DT  "C1'" "H1'"  sing N N 135 
DT  N1    C2     sing N N 136 
DT  N1    C6     sing N N 137 
DT  C2    O2     doub N N 138 
DT  C2    N3     sing N N 139 
DT  N3    C4     sing N N 140 
DT  N3    H3     sing N N 141 
DT  C4    O4     doub N N 142 
DT  C4    C5     sing N N 143 
DT  C5    C7     sing N N 144 
DT  C5    C6     doub N N 145 
DT  C7    H71    sing N N 146 
DT  C7    H72    sing N N 147 
DT  C7    H73    sing N N 148 
DT  C6    H6     sing N N 149 
HOH O     H1     sing N N 150 
HOH O     H2     sing N N 151 
# 
_ndb_struct_conf_na.entry_id   348D 
_ndb_struct_conf_na.feature    'a-form double helix' 
# 
loop_
_ndb_struct_na_base_pair.model_number 
_ndb_struct_na_base_pair.i_label_asym_id 
_ndb_struct_na_base_pair.i_label_comp_id 
_ndb_struct_na_base_pair.i_label_seq_id 
_ndb_struct_na_base_pair.i_symmetry 
_ndb_struct_na_base_pair.j_label_asym_id 
_ndb_struct_na_base_pair.j_label_comp_id 
_ndb_struct_na_base_pair.j_label_seq_id 
_ndb_struct_na_base_pair.j_symmetry 
_ndb_struct_na_base_pair.shear 
_ndb_struct_na_base_pair.stretch 
_ndb_struct_na_base_pair.stagger 
_ndb_struct_na_base_pair.buckle 
_ndb_struct_na_base_pair.propeller 
_ndb_struct_na_base_pair.opening 
_ndb_struct_na_base_pair.pair_number 
_ndb_struct_na_base_pair.pair_name 
_ndb_struct_na_base_pair.i_auth_asym_id 
_ndb_struct_na_base_pair.i_auth_seq_id 
_ndb_struct_na_base_pair.i_PDB_ins_code 
_ndb_struct_na_base_pair.j_auth_asym_id 
_ndb_struct_na_base_pair.j_auth_seq_id 
_ndb_struct_na_base_pair.j_PDB_ins_code 
_ndb_struct_na_base_pair.hbond_type_28 
_ndb_struct_na_base_pair.hbond_type_12 
1 A DG 1  1_555 A DC 10 11_655 -0.528 -0.227 0.043  -1.974  -12.208 -1.199 1  A_DG1:DC10_A A 1  ? A 10 ? 19 1 
1 A DA 2  1_555 A DT 9  11_655 0.004  -0.133 0.259  7.423   -15.775 0.207  2  A_DA2:DT9_A  A 2  ? A 9  ? 20 1 
1 A DC 3  1_555 A DG 8  11_655 0.202  -0.101 0.183  11.678  -12.675 0.419  3  A_DC3:DG8_A  A 3  ? A 8  ? 19 1 
1 A DC 4  1_555 A DG 7  11_655 0.009  -0.095 -0.152 12.971  -13.104 1.540  4  A_DC4:DG7_A  A 4  ? A 7  ? 19 1 
1 A DG 5  1_555 A DC 6  11_655 -0.269 -0.138 0.078  3.740   -11.989 -0.210 5  A_DG5:DC6_A  A 5  ? A 6  ? 19 1 
1 A DC 6  1_555 A DG 5  11_655 0.269  -0.138 0.078  -3.740  -11.989 -0.210 6  A_DC6:DG5_A  A 6  ? A 5  ? 19 1 
1 A DG 7  1_555 A DC 4  11_655 -0.009 -0.095 -0.152 -12.971 -13.104 1.540  7  A_DG7:DC4_A  A 7  ? A 4  ? 19 1 
1 A DG 8  1_555 A DC 3  11_655 -0.202 -0.101 0.183  -11.678 -12.675 0.419  8  A_DG8:DC3_A  A 8  ? A 3  ? 19 1 
1 A DT 9  1_555 A DA 2  11_655 -0.004 -0.133 0.259  -7.423  -15.775 0.207  9  A_DT9:DA2_A  A 9  ? A 2  ? 20 1 
1 A DC 10 1_555 A DG 1  11_655 0.528  -0.227 0.043  1.974   -12.208 -1.199 10 A_DC10:DG1_A A 10 ? A 1  ? 19 1 
# 
loop_
_ndb_struct_na_base_pair_step.model_number 
_ndb_struct_na_base_pair_step.i_label_asym_id_1 
_ndb_struct_na_base_pair_step.i_label_comp_id_1 
_ndb_struct_na_base_pair_step.i_label_seq_id_1 
_ndb_struct_na_base_pair_step.i_symmetry_1 
_ndb_struct_na_base_pair_step.j_label_asym_id_1 
_ndb_struct_na_base_pair_step.j_label_comp_id_1 
_ndb_struct_na_base_pair_step.j_label_seq_id_1 
_ndb_struct_na_base_pair_step.j_symmetry_1 
_ndb_struct_na_base_pair_step.i_label_asym_id_2 
_ndb_struct_na_base_pair_step.i_label_comp_id_2 
_ndb_struct_na_base_pair_step.i_label_seq_id_2 
_ndb_struct_na_base_pair_step.i_symmetry_2 
_ndb_struct_na_base_pair_step.j_label_asym_id_2 
_ndb_struct_na_base_pair_step.j_label_comp_id_2 
_ndb_struct_na_base_pair_step.j_label_seq_id_2 
_ndb_struct_na_base_pair_step.j_symmetry_2 
_ndb_struct_na_base_pair_step.shift 
_ndb_struct_na_base_pair_step.slide 
_ndb_struct_na_base_pair_step.rise 
_ndb_struct_na_base_pair_step.tilt 
_ndb_struct_na_base_pair_step.roll 
_ndb_struct_na_base_pair_step.twist 
_ndb_struct_na_base_pair_step.x_displacement 
_ndb_struct_na_base_pair_step.y_displacement 
_ndb_struct_na_base_pair_step.helical_rise 
_ndb_struct_na_base_pair_step.inclination 
_ndb_struct_na_base_pair_step.tip 
_ndb_struct_na_base_pair_step.helical_twist 
_ndb_struct_na_base_pair_step.step_number 
_ndb_struct_na_base_pair_step.step_name 
_ndb_struct_na_base_pair_step.i_auth_asym_id_1 
_ndb_struct_na_base_pair_step.i_auth_seq_id_1 
_ndb_struct_na_base_pair_step.i_PDB_ins_code_1 
_ndb_struct_na_base_pair_step.j_auth_asym_id_1 
_ndb_struct_na_base_pair_step.j_auth_seq_id_1 
_ndb_struct_na_base_pair_step.j_PDB_ins_code_1 
_ndb_struct_na_base_pair_step.i_auth_asym_id_2 
_ndb_struct_na_base_pair_step.i_auth_seq_id_2 
_ndb_struct_na_base_pair_step.i_PDB_ins_code_2 
_ndb_struct_na_base_pair_step.j_auth_asym_id_2 
_ndb_struct_na_base_pair_step.j_auth_seq_id_2 
_ndb_struct_na_base_pair_step.j_PDB_ins_code_2 
1 A DG 1 1_555 A DC 10 11_655 A DA 2  1_555 A DT 9 11_655 -0.052 -0.658 3.024 -1.737 5.944  34.003 -1.943 -0.156 2.871 10.060 
2.939  34.546 1 AA_DG1DA2:DT9DC10_AA A 1 ? A 10 ? A 2  ? A 9 ? 
1 A DA 2 1_555 A DT 9  11_655 A DC 3  1_555 A DG 8 11_655 0.714  -1.440 3.181 0.541  3.360  33.900 -2.968 -1.137 3.040 5.745  
-0.926 34.065 2 AA_DA2DC3:DG8DT9_AA  A 2 ? A 9  ? A 3  ? A 8 ? 
1 A DC 3 1_555 A DG 8  11_655 A DC 4  1_555 A DG 7 11_655 -0.649 -2.052 3.140 -0.829 10.352 26.137 -6.291 1.173  2.201 21.826 
1.748  28.091 3 AA_DC3DC4:DG7DG8_AA  A 3 ? A 8  ? A 4  ? A 7 ? 
1 A DC 4 1_555 A DG 7  11_655 A DG 5  1_555 A DC 6 11_655 -0.652 -1.615 3.304 -5.713 11.864 32.831 -4.325 0.275  2.653 20.017 
9.638  35.306 4 AA_DC4DG5:DC6DG7_AA  A 4 ? A 7  ? A 5  ? A 6 ? 
1 A DG 5 1_555 A DC 6  11_655 A DC 6  1_555 A DG 5 11_655 0.000  -1.814 3.442 0.000  4.050  35.190 -3.591 0.000  3.220 6.672  
0.000  35.415 5 AA_DG5DC6:DG5DC6_AA  A 5 ? A 6  ? A 6  ? A 5 ? 
1 A DC 6 1_555 A DG 5  11_655 A DG 7  1_555 A DC 4 11_655 0.652  -1.615 3.304 5.713  11.864 32.831 -4.325 -0.275 2.653 20.017 
-9.638 35.306 6 AA_DC6DG7:DC4DG5_AA  A 6 ? A 5  ? A 7  ? A 4 ? 
1 A DG 7 1_555 A DC 4  11_655 A DG 8  1_555 A DC 3 11_655 0.649  -2.052 3.140 0.829  10.352 26.137 -6.291 -1.173 2.201 21.826 
-1.748 28.091 7 AA_DG7DG8:DC3DC4_AA  A 7 ? A 4  ? A 8  ? A 3 ? 
1 A DG 8 1_555 A DC 3  11_655 A DT 9  1_555 A DA 2 11_655 -0.714 -1.440 3.181 -0.541 3.360  33.900 -2.968 1.137  3.040 5.745  
0.926  34.065 8 AA_DG8DT9:DA2DC3_AA  A 8 ? A 3  ? A 9  ? A 2 ? 
1 A DT 9 1_555 A DA 2  11_655 A DC 10 1_555 A DG 1 11_655 0.052  -0.658 3.024 1.737  5.944  34.003 -1.943 0.156  2.871 10.060 
-2.939 34.546 9 AA_DT9DC10:DG1DA2_AA A 9 ? A 2  ? A 10 ? A 1 ? 
# 
_atom_sites.entry_id                    348D 
_atom_sites.fract_transf_matrix[1][1]   0.00993080 
_atom_sites.fract_transf_matrix[1][2]   -0.02662465 
_atom_sites.fract_transf_matrix[1][3]   -0.00933404 
_atom_sites.fract_transf_matrix[2][1]   -0.00810459 
_atom_sites.fract_transf_matrix[2][2]   -0.01041310 
_atom_sites.fract_transf_matrix[2][3]   -0.02684196 
_atom_sites.fract_transf_matrix[3][1]   0.00989123 
_atom_sites.fract_transf_matrix[3][2]   0.00548194 
_atom_sites.fract_transf_matrix[3][3]   -0.00511320 
_atom_sites.fract_transf_vector[1]      0.490356 
_atom_sites.fract_transf_vector[2]      0.115453 
_atom_sites.fract_transf_vector[3]      0.278434 
# 
loop_
_atom_type.symbol 
C 
H 
N 
O 
P 
# 
loop_
_atom_site.group_PDB 
_atom_site.id 
_atom_site.type_symbol 
_atom_site.label_atom_id 
_atom_site.label_alt_id 
_atom_site.label_comp_id 
_atom_site.label_asym_id 
_atom_site.label_entity_id 
_atom_site.label_seq_id 
_atom_site.pdbx_PDB_ins_code 
_atom_site.Cartn_x 
_atom_site.Cartn_y 
_atom_site.Cartn_z 
_atom_site.occupancy 
_atom_site.B_iso_or_equiv 
_atom_site.pdbx_formal_charge 
_atom_site.auth_seq_id 
_atom_site.auth_comp_id 
_atom_site.auth_asym_id 
_atom_site.auth_atom_id 
_atom_site.pdbx_PDB_model_num 
ATOM   1   O "O5'"  . DG  A 1 1  ? -0.287  -16.199 -5.309  1.00 20.11  ? 1  DG  A "O5'"  1 
ATOM   2   C "C5'"  . DG  A 1 1  ? -1.135  -15.329 -4.592  1.00 12.01  ? 1  DG  A "C5'"  1 
ATOM   3   C "C4'"  . DG  A 1 1  ? -2.561  -15.594 -5.013  1.00 9.94   ? 1  DG  A "C4'"  1 
ATOM   4   O "O4'"  . DG  A 1 1  ? -3.206  -16.567 -4.156  1.00 7.65   ? 1  DG  A "O4'"  1 
ATOM   5   C "C3'"  . DG  A 1 1  ? -3.399  -14.332 -4.905  1.00 9.41   ? 1  DG  A "C3'"  1 
ATOM   6   O "O3'"  . DG  A 1 1  ? -3.333  -13.671 -6.177  1.00 9.30   ? 1  DG  A "O3'"  1 
ATOM   7   C "C2'"  . DG  A 1 1  ? -4.780  -14.886 -4.616  1.00 7.70   ? 1  DG  A "C2'"  1 
ATOM   8   C "C1'"  . DG  A 1 1  ? -4.457  -16.059 -3.701  1.00 6.91   ? 1  DG  A "C1'"  1 
ATOM   9   N N9     . DG  A 1 1  ? -4.298  -15.735 -2.282  1.00 6.32   ? 1  DG  A N9     1 
ATOM   10  C C8     . DG  A 1 1  ? -3.100  -15.614 -1.624  1.00 6.36   ? 1  DG  A C8     1 
ATOM   11  N N7     . DG  A 1 1  ? -3.230  -15.367 -0.350  1.00 5.59   ? 1  DG  A N7     1 
ATOM   12  C C5     . DG  A 1 1  ? -4.602  -15.313 -0.147  1.00 5.64   ? 1  DG  A C5     1 
ATOM   13  C C6     . DG  A 1 1  ? -5.335  -15.103 1.050   1.00 5.02   ? 1  DG  A C6     1 
ATOM   14  O O6     . DG  A 1 1  ? -4.904  -14.939 2.198   1.00 6.81   ? 1  DG  A O6     1 
ATOM   15  N N1     . DG  A 1 1  ? -6.702  -15.121 0.825   1.00 5.13   ? 1  DG  A N1     1 
ATOM   16  C C2     . DG  A 1 1  ? -7.291  -15.328 -0.401  1.00 6.90   ? 1  DG  A C2     1 
ATOM   17  N N2     . DG  A 1 1  ? -8.630  -15.309 -0.419  1.00 5.68   ? 1  DG  A N2     1 
ATOM   18  N N3     . DG  A 1 1  ? -6.613  -15.540 -1.536  1.00 6.00   ? 1  DG  A N3     1 
ATOM   19  C C4     . DG  A 1 1  ? -5.281  -15.522 -1.333  1.00 6.15   ? 1  DG  A C4     1 
ATOM   20  H H1     . DG  A 1 1  ? -7.309  -14.985 1.623   1.00 -17.65 ? 1  DG  A H1     1 
ATOM   21  H H21    . DG  A 1 1  ? -9.128  -15.449 -1.292  1.00 6.31   ? 1  DG  A H21    1 
ATOM   22  H H22    . DG  A 1 1  ? -9.150  -15.168 0.436   1.00 23.04  ? 1  DG  A H22    1 
ATOM   23  H "HO5'" . DG  A 1 1  ? -0.441  -16.068 -6.248  1.00 11.15  ? 1  DG  A "HO5'" 1 
ATOM   24  P P      . DA  A 1 2  ? -3.202  -12.074 -6.242  1.00 8.50   ? 2  DA  A P      1 
ATOM   25  O OP1    . DA  A 1 2  ? -3.005  -11.711 -7.683  1.00 9.75   ? 2  DA  A OP1    1 
ATOM   26  O OP2    . DA  A 1 2  ? -2.217  -11.618 -5.220  1.00 7.62   ? 2  DA  A OP2    1 
ATOM   27  O "O5'"  . DA  A 1 2  ? -4.627  -11.551 -5.776  1.00 7.35   ? 2  DA  A "O5'"  1 
ATOM   28  C "C5'"  . DA  A 1 2  ? -5.785  -11.800 -6.554  1.00 7.51   ? 2  DA  A "C5'"  1 
ATOM   29  C "C4'"  . DA  A 1 2  ? -7.019  -11.546 -5.721  1.00 8.64   ? 2  DA  A "C4'"  1 
ATOM   30  O "O4'"  . DA  A 1 2  ? -7.125  -12.517 -4.656  1.00 8.13   ? 2  DA  A "O4'"  1 
ATOM   31  C "C3'"  . DA  A 1 2  ? -7.033  -10.203 -5.020  1.00 8.71   ? 2  DA  A "C3'"  1 
ATOM   32  O "O3'"  . DA  A 1 2  ? -7.433  -9.151  -5.907  1.00 10.05  ? 2  DA  A "O3'"  1 
ATOM   33  C "C2'"  . DA  A 1 2  ? -8.063  -10.466 -3.936  1.00 6.96   ? 2  DA  A "C2'"  1 
ATOM   34  C "C1'"  . DA  A 1 2  ? -7.709  -11.893 -3.511  1.00 6.38   ? 2  DA  A "C1'"  1 
ATOM   35  N N9     . DA  A 1 2  ? -6.719  -11.911 -2.445  1.00 6.57   ? 2  DA  A N9     1 
ATOM   36  C C8     . DA  A 1 2  ? -5.355  -11.967 -2.570  1.00 5.91   ? 2  DA  A C8     1 
ATOM   37  N N7     . DA  A 1 2  ? -4.718  -11.946 -1.426  1.00 6.72   ? 2  DA  A N7     1 
ATOM   38  C C5     . DA  A 1 2  ? -5.737  -11.875 -0.481  1.00 5.73   ? 2  DA  A C5     1 
ATOM   39  C C6     . DA  A 1 2  ? -5.729  -11.826 0.930   1.00 7.76   ? 2  DA  A C6     1 
ATOM   40  N N6     . DA  A 1 2  ? -4.615  -11.828 1.675   1.00 8.34   ? 2  DA  A N6     1 
ATOM   41  N N1     . DA  A 1 2  ? -6.921  -11.773 1.562   1.00 6.82   ? 2  DA  A N1     1 
ATOM   42  C C2     . DA  A 1 2  ? -8.031  -11.757 0.824   1.00 4.30   ? 2  DA  A C2     1 
ATOM   43  N N3     . DA  A 1 2  ? -8.165  -11.796 -0.500  1.00 5.44   ? 2  DA  A N3     1 
ATOM   44  C C4     . DA  A 1 2  ? -6.968  -11.858 -1.097  1.00 4.79   ? 2  DA  A C4     1 
ATOM   45  H H61    . DA  A 1 2  ? -3.729  -11.841 1.194   1.00 5.37   ? 2  DA  A H61    1 
ATOM   46  H H62    . DA  A 1 2  ? -4.667  -11.833 2.680   1.00 -6.06  ? 2  DA  A H62    1 
ATOM   47  P P      . DC  A 1 3  ? -6.879  -7.657  -5.664  1.00 9.02   ? 3  DC  A P      1 
ATOM   48  O OP1    . DC  A 1 3  ? -7.357  -6.872  -6.815  1.00 10.54  ? 3  DC  A OP1    1 
ATOM   49  O OP2    . DC  A 1 3  ? -5.447  -7.683  -5.312  1.00 8.05   ? 3  DC  A OP2    1 
ATOM   50  O "O5'"  . DC  A 1 3  ? -7.617  -7.143  -4.353  1.00 7.92   ? 3  DC  A "O5'"  1 
ATOM   51  C "C5'"  . DC  A 1 3  ? -9.031  -7.021  -4.316  1.00 6.51   ? 3  DC  A "C5'"  1 
ATOM   52  C "C4'"  . DC  A 1 3  ? -9.503  -6.917  -2.887  1.00 7.64   ? 3  DC  A "C4'"  1 
ATOM   53  O "O4'"  . DC  A 1 3  ? -9.143  -8.093  -2.138  1.00 7.66   ? 3  DC  A "O4'"  1 
ATOM   54  C "C3'"  . DC  A 1 3  ? -8.895  -5.770  -2.115  1.00 5.99   ? 3  DC  A "C3'"  1 
ATOM   55  O "O3'"  . DC  A 1 3  ? -9.593  -4.558  -2.406  1.00 10.52  ? 3  DC  A "O3'"  1 
ATOM   56  C "C2'"  . DC  A 1 3  ? -9.166  -6.214  -0.693  1.00 6.28   ? 3  DC  A "C2'"  1 
ATOM   57  C "C1'"  . DC  A 1 3  ? -8.918  -7.720  -0.771  1.00 7.78   ? 3  DC  A "C1'"  1 
ATOM   58  N N1     . DC  A 1 3  ? -7.524  -8.047  -0.414  1.00 6.48   ? 3  DC  A N1     1 
ATOM   59  C C2     . DC  A 1 3  ? -7.212  -8.210  0.935   1.00 5.50   ? 3  DC  A C2     1 
ATOM   60  O O2     . DC  A 1 3  ? -8.108  -8.121  1.776   1.00 5.16   ? 3  DC  A O2     1 
ATOM   61  N N3     . DC  A 1 3  ? -5.938  -8.460  1.294   1.00 5.10   ? 3  DC  A N3     1 
ATOM   62  C C4     . DC  A 1 3  ? -4.994  -8.556  0.364   1.00 4.53   ? 3  DC  A C4     1 
ATOM   63  N N4     . DC  A 1 3  ? -3.738  -8.804  0.769   1.00 5.53   ? 3  DC  A N4     1 
ATOM   64  C C5     . DC  A 1 3  ? -5.284  -8.407  -1.019  1.00 4.72   ? 3  DC  A C5     1 
ATOM   65  C C6     . DC  A 1 3  ? -6.551  -8.163  -1.363  1.00 6.81   ? 3  DC  A C6     1 
ATOM   66  H H41    . DC  A 1 3  ? -3.002  -8.876  0.080   1.00 -15.29 ? 3  DC  A H41    1 
ATOM   67  H H42    . DC  A 1 3  ? -3.525  -8.915  1.753   1.00 14.13  ? 3  DC  A H42    1 
ATOM   68  P P      . DC  A 1 4  ? -8.869  -3.145  -2.154  1.00 11.80  ? 4  DC  A P      1 
ATOM   69  O OP1    . DC  A 1 4  ? -9.736  -2.105  -2.744  1.00 16.05  ? 4  DC  A OP1    1 
ATOM   70  O OP2    . DC  A 1 4  ? -7.464  -3.256  -2.578  1.00 11.86  ? 4  DC  A OP2    1 
ATOM   71  O "O5'"  . DC  A 1 4  ? -8.881  -2.965  -0.579  1.00 9.85   ? 4  DC  A "O5'"  1 
ATOM   72  C "C5'"  . DC  A 1 4  ? -10.106 -2.851  0.127   1.00 9.64   ? 4  DC  A "C5'"  1 
ATOM   73  C "C4'"  . DC  A 1 4  ? -9.847  -2.819  1.613   1.00 8.50   ? 4  DC  A "C4'"  1 
ATOM   74  O "O4'"  . DC  A 1 4  ? -9.357  -4.094  2.072   1.00 8.55   ? 4  DC  A "O4'"  1 
ATOM   75  C "C3'"  . DC  A 1 4  ? -8.814  -1.811  2.099   1.00 9.08   ? 4  DC  A "C3'"  1 
ATOM   76  O "O3'"  . DC  A 1 4  ? -9.353  -0.488  2.186   1.00 8.89   ? 4  DC  A "O3'"  1 
ATOM   77  C "C2'"  . DC  A 1 4  ? -8.510  -2.377  3.472   1.00 7.68   ? 4  DC  A "C2'"  1 
ATOM   78  C "C1'"  . DC  A 1 4  ? -8.519  -3.880  3.212   1.00 7.86   ? 4  DC  A "C1'"  1 
ATOM   79  N N1     . DC  A 1 4  ? -7.179  -4.395  2.903   1.00 7.57   ? 4  DC  A N1     1 
ATOM   80  C C2     . DC  A 1 4  ? -6.342  -4.694  3.969   1.00 7.78   ? 4  DC  A C2     1 
ATOM   81  O O2     . DC  A 1 4  ? -6.747  -4.476  5.116   1.00 6.85   ? 4  DC  A O2     1 
ATOM   82  N N3     . DC  A 1 4  ? -5.114  -5.206  3.734   1.00 8.02   ? 4  DC  A N3     1 
ATOM   83  C C4     . DC  A 1 4  ? -4.705  -5.411  2.480   1.00 6.15   ? 4  DC  A C4     1 
ATOM   84  N N4     . DC  A 1 4  ? -3.488  -5.962  2.303   1.00 6.72   ? 4  DC  A N4     1 
ATOM   85  C C5     . DC  A 1 4  ? -5.524  -5.076  1.358   1.00 6.43   ? 4  DC  A C5     1 
ATOM   86  C C6     . DC  A 1 4  ? -6.748  -4.574  1.615   1.00 6.80   ? 4  DC  A C6     1 
ATOM   87  H H41    . DC  A 1 4  ? -3.141  -6.142  1.371   1.00 2.61   ? 4  DC  A H41    1 
ATOM   88  H H42    . DC  A 1 4  ? -2.905  -6.187  3.091   1.00 4.06   ? 4  DC  A H42    1 
ATOM   89  P P      . DG  A 1 5  ? -8.374  0.777   2.180   1.00 9.47   ? 5  DG  A P      1 
ATOM   90  O OP1    . DG  A 1 5  ? -9.262  1.949   1.985   1.00 10.90  ? 5  DG  A OP1    1 
ATOM   91  O OP2    . DG  A 1 5  ? -7.197  0.591   1.295   1.00 7.80   ? 5  DG  A OP2    1 
ATOM   92  O "O5'"  . DG  A 1 5  ? -7.753  0.794   3.644   1.00 9.00   ? 5  DG  A "O5'"  1 
ATOM   93  C "C5'"  . DG  A 1 5  ? -8.522  1.155   4.790   1.00 7.75   ? 5  DG  A "C5'"  1 
ATOM   94  C "C4'"  . DG  A 1 5  ? -7.672  1.029   6.035   1.00 5.64   ? 5  DG  A "C4'"  1 
ATOM   95  O "O4'"  . DG  A 1 5  ? -7.288  -0.340  6.267   1.00 6.42   ? 5  DG  A "O4'"  1 
ATOM   96  C "C3'"  . DG  A 1 5  ? -6.364  1.789   5.978   1.00 5.70   ? 5  DG  A "C3'"  1 
ATOM   97  O "O3'"  . DG  A 1 5  ? -6.558  3.162   6.314   1.00 5.99   ? 5  DG  A "O3'"  1 
ATOM   98  C "C2'"  . DG  A 1 5  ? -5.564  1.069   7.045   1.00 5.29   ? 5  DG  A "C2'"  1 
ATOM   99  C "C1'"  . DG  A 1 5  ? -5.962  -0.376  6.792   1.00 5.07   ? 5  DG  A "C1'"  1 
ATOM   100 N N9     . DG  A 1 5  ? -5.102  -1.010  5.799   1.00 4.12   ? 5  DG  A N9     1 
ATOM   101 C C8     . DG  A 1 5  ? -5.392  -1.286  4.490   1.00 4.67   ? 5  DG  A C8     1 
ATOM   102 N N7     . DG  A 1 5  ? -4.419  -1.899  3.868   1.00 4.61   ? 5  DG  A N7     1 
ATOM   103 C C5     . DG  A 1 5  ? -3.423  -2.021  4.832   1.00 3.88   ? 5  DG  A C5     1 
ATOM   104 C C6     . DG  A 1 5  ? -2.136  -2.623  4.768   1.00 5.52   ? 5  DG  A C6     1 
ATOM   105 O O6     . DG  A 1 5  ? -1.618  -3.236  3.830   1.00 6.77   ? 5  DG  A O6     1 
ATOM   106 N N1     . DG  A 1 5  ? -1.444  -2.486  5.969   1.00 4.15   ? 5  DG  A N1     1 
ATOM   107 C C2     . DG  A 1 5  ? -1.942  -1.880  7.095   1.00 6.12   ? 5  DG  A C2     1 
ATOM   108 N N2     . DG  A 1 5  ? -1.133  -1.821  8.165   1.00 4.93   ? 5  DG  A N2     1 
ATOM   109 N N3     . DG  A 1 5  ? -3.145  -1.357  7.178   1.00 4.70   ? 5  DG  A N3     1 
ATOM   110 C C4     . DG  A 1 5  ? -3.826  -1.459  6.019   1.00 4.23   ? 5  DG  A C4     1 
ATOM   111 H H1     . DG  A 1 5  ? -0.511  -2.858  6.024   1.00 -6.08  ? 5  DG  A H1     1 
ATOM   112 H H21    . DG  A 1 5  ? -1.454  -1.378  9.018   1.00 -10.21 ? 5  DG  A H21    1 
ATOM   113 H H22    . DG  A 1 5  ? -0.203  -2.215  8.117   1.00 -12.08 ? 5  DG  A H22    1 
ATOM   114 P P      . DC  A 1 6  ? -5.603  4.262   5.669   1.00 7.78   ? 6  DC  A P      1 
ATOM   115 O OP1    . DC  A 1 6  ? -6.089  5.589   6.134   1.00 8.45   ? 6  DC  A OP1    1 
ATOM   116 O OP2    . DC  A 1 6  ? -5.458  3.992   4.228   1.00 7.46   ? 6  DC  A OP2    1 
ATOM   117 O "O5'"  . DC  A 1 6  ? -4.184  3.982   6.320   1.00 6.61   ? 6  DC  A "O5'"  1 
ATOM   118 C "C5'"  . DC  A 1 6  ? -3.940  4.261   7.708   1.00 5.97   ? 6  DC  A "C5'"  1 
ATOM   119 C "C4'"  . DC  A 1 6  ? -2.536  3.837   8.082   1.00 5.45   ? 6  DC  A "C4'"  1 
ATOM   120 O "O4'"  . DC  A 1 6  ? -2.391  2.411   7.973   1.00 7.16   ? 6  DC  A "O4'"  1 
ATOM   121 C "C3'"  . DC  A 1 6  ? -1.423  4.389   7.227   1.00 6.51   ? 6  DC  A "C3'"  1 
ATOM   122 O "O3'"  . DC  A 1 6  ? -1.107  5.730   7.546   1.00 7.04   ? 6  DC  A "O3'"  1 
ATOM   123 C "C2'"  . DC  A 1 6  ? -0.291  3.456   7.597   1.00 6.93   ? 6  DC  A "C2'"  1 
ATOM   124 C "C1'"  . DC  A 1 6  ? -1.023  2.120   7.635   1.00 7.11   ? 6  DC  A "C1'"  1 
ATOM   125 N N1     . DC  A 1 6  ? -0.994  1.478   6.312   1.00 6.34   ? 6  DC  A N1     1 
ATOM   126 C C2     . DC  A 1 6  ? 0.169   0.824   5.945   1.00 6.04   ? 6  DC  A C2     1 
ATOM   127 O O2     . DC  A 1 6  ? 1.098   0.762   6.767   1.00 4.72   ? 6  DC  A O2     1 
ATOM   128 N N3     . DC  A 1 6  ? 0.268   0.273   4.719   1.00 6.03   ? 6  DC  A N3     1 
ATOM   129 C C4     . DC  A 1 6  ? -0.756  0.355   3.869   1.00 6.61   ? 6  DC  A C4     1 
ATOM   130 N N4     . DC  A 1 6  ? -0.600  -0.194  2.658   1.00 4.50   ? 6  DC  A N4     1 
ATOM   131 C C5     . DC  A 1 6  ? -1.972  1.000   4.220   1.00 4.69   ? 6  DC  A C5     1 
ATOM   132 C C6     . DC  A 1 6  ? -2.050  1.543   5.445   1.00 5.33   ? 6  DC  A C6     1 
ATOM   133 H H41    . DC  A 1 6  ? -1.355  -0.154  1.992   1.00 -3.80  ? 6  DC  A H41    1 
ATOM   134 H H42    . DC  A 1 6  ? 0.262   -0.650  2.394   1.00 -11.22 ? 6  DC  A H42    1 
ATOM   135 P P      . DG  A 1 7  ? -0.555  6.683   6.387   1.00 8.88   ? 7  DG  A P      1 
ATOM   136 O OP1    . DG  A 1 7  ? -0.553  8.067   6.912   1.00 7.73   ? 7  DG  A OP1    1 
ATOM   137 O OP2    . DG  A 1 7  ? -1.307  6.372   5.157   1.00 8.46   ? 7  DG  A OP2    1 
ATOM   138 O "O5'"  . DG  A 1 7  ? 0.949   6.184   6.198   1.00 8.04   ? 7  DG  A "O5'"  1 
ATOM   139 C "C5'"  . DG  A 1 7  ? 1.855   6.116   7.319   1.00 7.88   ? 7  DG  A "C5'"  1 
ATOM   140 C "C4'"  . DG  A 1 7  ? 3.130   5.403   6.920   1.00 7.20   ? 7  DG  A "C4'"  1 
ATOM   141 O "O4'"  . DG  A 1 7  ? 2.851   4.020   6.602   1.00 7.98   ? 7  DG  A "O4'"  1 
ATOM   142 C "C3'"  . DG  A 1 7  ? 3.840   5.953   5.691   1.00 6.02   ? 7  DG  A "C3'"  1 
ATOM   143 O "O3'"  . DG  A 1 7  ? 4.675   7.054   6.076   1.00 7.31   ? 7  DG  A "O3'"  1 
ATOM   144 C "C2'"  . DG  A 1 7  ? 4.666   4.752   5.272   1.00 6.41   ? 7  DG  A "C2'"  1 
ATOM   145 C "C1'"  . DG  A 1 7  ? 3.736   3.580   5.579   1.00 5.30   ? 7  DG  A "C1'"  1 
ATOM   146 N N9     . DG  A 1 7  ? 2.930   3.163   4.441   1.00 4.69   ? 7  DG  A N9     1 
ATOM   147 C C8     . DG  A 1 7  ? 1.617   3.476   4.171   1.00 5.47   ? 7  DG  A C8     1 
ATOM   148 N N7     . DG  A 1 7  ? 1.182   2.929   3.059   1.00 6.19   ? 7  DG  A N7     1 
ATOM   149 C C5     . DG  A 1 7  ? 2.278   2.217   2.572   1.00 3.72   ? 7  DG  A C5     1 
ATOM   150 C C6     . DG  A 1 7  ? 2.417   1.407   1.411   1.00 4.24   ? 7  DG  A C6     1 
ATOM   151 O O6     . DG  A 1 7  ? 1.572   1.132   0.560   1.00 3.45   ? 7  DG  A O6     1 
ATOM   152 N N1     . DG  A 1 7  ? 3.698   0.876   1.303   1.00 3.73   ? 7  DG  A N1     1 
ATOM   153 C C2     . DG  A 1 7  ? 4.711   1.083   2.200   1.00 5.18   ? 7  DG  A C2     1 
ATOM   154 N N2     . DG  A 1 7  ? 5.876   0.486   1.930   1.00 6.51   ? 7  DG  A N2     1 
ATOM   155 N N3     . DG  A 1 7  ? 4.594   1.823   3.292   1.00 5.06   ? 7  DG  A N3     1 
ATOM   156 C C4     . DG  A 1 7  ? 3.360   2.356   3.411   1.00 4.52   ? 7  DG  A C4     1 
ATOM   157 H H1     . DG  A 1 7  ? 3.885   0.285   0.513   1.00 4.79   ? 7  DG  A H1     1 
ATOM   158 H H21    . DG  A 1 7  ? 6.651   0.596   2.567   1.00 -2.95  ? 7  DG  A H21    1 
ATOM   159 H H22    . DG  A 1 7  ? 5.984   -0.088  1.109   1.00 -4.77  ? 7  DG  A H22    1 
ATOM   160 P P      . DG  A 1 8  ? 5.221   8.081   4.971   1.00 6.84   ? 8  DG  A P      1 
ATOM   161 O OP1    . DG  A 1 8  ? 6.101   9.036   5.702   1.00 7.49   ? 8  DG  A OP1    1 
ATOM   162 O OP2    . DG  A 1 8  ? 4.126   8.603   4.113   1.00 6.22   ? 8  DG  A OP2    1 
ATOM   163 O "O5'"  . DG  A 1 8  ? 6.148   7.149   4.086   1.00 8.64   ? 8  DG  A "O5'"  1 
ATOM   164 C "C5'"  . DG  A 1 8  ? 6.291   7.360   2.673   1.00 8.39   ? 8  DG  A "C5'"  1 
ATOM   165 C "C4'"  . DG  A 1 8  ? 7.040   6.196   2.067   1.00 5.77   ? 8  DG  A "C4'"  1 
ATOM   166 O "O4'"  . DG  A 1 8  ? 6.264   4.989   2.179   1.00 5.46   ? 8  DG  A "O4'"  1 
ATOM   167 C "C3'"  . DG  A 1 8  ? 7.343   6.339   0.589   1.00 7.23   ? 8  DG  A "C3'"  1 
ATOM   168 O "O3'"  . DG  A 1 8  ? 8.555   7.084   0.415   1.00 7.93   ? 8  DG  A "O3'"  1 
ATOM   169 C "C2'"  . DG  A 1 8  ? 7.533   4.891   0.185   1.00 6.31   ? 8  DG  A "C2'"  1 
ATOM   170 C "C1'"  . DG  A 1 8  ? 6.484   4.175   1.031   1.00 6.20   ? 8  DG  A "C1'"  1 
ATOM   171 N N9     . DG  A 1 8  ? 5.204   3.992   0.341   1.00 6.32   ? 8  DG  A N9     1 
ATOM   172 C C8     . DG  A 1 8  ? 3.973   4.528   0.657   1.00 6.99   ? 8  DG  A C8     1 
ATOM   173 N N7     . DG  A 1 8  ? 3.013   4.128   -0.146  1.00 6.00   ? 8  DG  A N7     1 
ATOM   174 C C5     . DG  A 1 8  ? 3.649   3.287   -1.048  1.00 5.04   ? 8  DG  A C5     1 
ATOM   175 C C6     . DG  A 1 8  ? 3.133   2.527   -2.140  1.00 6.78   ? 8  DG  A C6     1 
ATOM   176 O O6     . DG  A 1 8  ? 1.965   2.444   -2.559  1.00 6.28   ? 8  DG  A O6     1 
ATOM   177 N N1     . DG  A 1 8  ? 4.135   1.797   -2.773  1.00 6.16   ? 8  DG  A N1     1 
ATOM   178 C C2     . DG  A 1 8  ? 5.458   1.792   -2.411  1.00 5.44   ? 8  DG  A C2     1 
ATOM   179 N N2     . DG  A 1 8  ? 6.266   1.020   -3.134  1.00 6.30   ? 8  DG  A N2     1 
ATOM   180 N N3     . DG  A 1 8  ? 5.955   2.488   -1.404  1.00 5.11   ? 8  DG  A N3     1 
ATOM   181 C C4     . DG  A 1 8  ? 5.005   3.204   -0.768  1.00 5.54   ? 8  DG  A C4     1 
ATOM   182 H H1     . DG  A 1 8  ? 3.870   1.214   -3.557  1.00 -4.01  ? 8  DG  A H1     1 
ATOM   183 H H21    . DG  A 1 8  ? 7.250   0.981   -2.908  1.00 6.94   ? 8  DG  A H21    1 
ATOM   184 H H22    . DG  A 1 8  ? 5.918   0.470   -3.908  1.00 1.38   ? 8  DG  A H22    1 
ATOM   185 P P      . DT  A 1 9  ? 8.778   7.941   -0.925  1.00 10.12  ? 9  DT  A P      1 
ATOM   186 O OP1    . DT  A 1 9  ? 10.002  8.762   -0.749  1.00 11.13  ? 9  DT  A OP1    1 
ATOM   187 O OP2    . DT  A 1 9  ? 7.497   8.596   -1.289  1.00 9.44   ? 9  DT  A OP2    1 
ATOM   188 O "O5'"  . DT  A 1 9  ? 9.065   6.849   -2.040  1.00 8.63   ? 9  DT  A "O5'"  1 
ATOM   189 C "C5'"  . DT  A 1 9  ? 10.233  6.026   -1.962  1.00 8.27   ? 9  DT  A "C5'"  1 
ATOM   190 C "C4'"  . DT  A 1 9  ? 10.246  5.031   -3.095  1.00 8.58   ? 9  DT  A "C4'"  1 
ATOM   191 O "O4'"  . DT  A 1 9  ? 9.122   4.137   -3.003  1.00 9.80   ? 9  DT  A "O4'"  1 
ATOM   192 C "C3'"  . DT  A 1 9  ? 10.129  5.677   -4.460  1.00 9.76   ? 9  DT  A "C3'"  1 
ATOM   193 O "O3'"  . DT  A 1 9  ? 11.435  6.049   -4.888  1.00 11.31  ? 9  DT  A "O3'"  1 
ATOM   194 C "C2'"  . DT  A 1 9  ? 9.596   4.529   -5.292  1.00 8.18   ? 9  DT  A "C2'"  1 
ATOM   195 C "C1'"  . DT  A 1 9  ? 8.674   3.805   -4.313  1.00 8.47   ? 9  DT  A "C1'"  1 
ATOM   196 N N1     . DT  A 1 9  ? 7.269   4.180   -4.410  1.00 6.06   ? 9  DT  A N1     1 
ATOM   197 C C2     . DT  A 1 9  ? 6.514   3.518   -5.334  1.00 5.82   ? 9  DT  A C2     1 
ATOM   198 O O2     . DT  A 1 9  ? 6.989   2.739   -6.140  1.00 5.26   ? 9  DT  A O2     1 
ATOM   199 N N3     . DT  A 1 9  ? 5.172   3.806   -5.295  1.00 6.21   ? 9  DT  A N3     1 
ATOM   200 C C4     . DT  A 1 9  ? 4.542   4.700   -4.458  1.00 5.66   ? 9  DT  A C4     1 
ATOM   201 O O4     . DT  A 1 9  ? 3.318   4.806   -4.494  1.00 8.89   ? 9  DT  A O4     1 
ATOM   202 C C5     . DT  A 1 9  ? 5.413   5.433   -3.566  1.00 6.03   ? 9  DT  A C5     1 
ATOM   203 C C7     . DT  A 1 9  ? 4.826   6.491   -2.681  1.00 5.74   ? 9  DT  A C7     1 
ATOM   204 C C6     . DT  A 1 9  ? 6.721   5.129   -3.574  1.00 5.47   ? 9  DT  A C6     1 
ATOM   205 H H3     . DT  A 1 9  ? 4.587   3.310   -5.944  1.00 -0.33  ? 9  DT  A H3     1 
ATOM   206 P P      . DC  A 1 10 ? 11.622  7.317   -5.833  1.00 12.76  ? 10 DC  A P      1 
ATOM   207 O OP1    . DC  A 1 10 ? 13.091  7.445   -6.015  1.00 14.83  ? 10 DC  A OP1    1 
ATOM   208 O OP2    . DC  A 1 10 ? 10.849  8.447   -5.298  1.00 13.65  ? 10 DC  A OP2    1 
ATOM   209 O "O5'"  . DC  A 1 10 ? 10.958  6.881   -7.219  1.00 11.94  ? 10 DC  A "O5'"  1 
ATOM   210 C "C5'"  . DC  A 1 10 ? 11.566  5.864   -8.022  1.00 9.65   ? 10 DC  A "C5'"  1 
ATOM   211 C "C4'"  . DC  A 1 10 ? 10.610  5.368   -9.085  1.00 9.47   ? 10 DC  A "C4'"  1 
ATOM   212 O "O4'"  . DC  A 1 10 ? 9.482   4.697   -8.504  1.00 7.76   ? 10 DC  A "O4'"  1 
ATOM   213 C "C3'"  . DC  A 1 10 ? 10.015  6.383   -10.044 1.00 9.63   ? 10 DC  A "C3'"  1 
ATOM   214 O "O3'"  . DC  A 1 10 ? 10.944  6.778   -11.069 1.00 10.66  ? 10 DC  A "O3'"  1 
ATOM   215 C "C2'"  . DC  A 1 10 ? 8.833   5.609   -10.595 1.00 9.09   ? 10 DC  A "C2'"  1 
ATOM   216 C "C1'"  . DC  A 1 10 ? 8.381   4.760   -9.412  1.00 8.43   ? 10 DC  A "C1'"  1 
ATOM   217 N N1     . DC  A 1 10 ? 7.239   5.322   -8.702  1.00 6.38   ? 10 DC  A N1     1 
ATOM   218 C C2     . DC  A 1 10 ? 5.951   4.892   -9.047  1.00 6.68   ? 10 DC  A C2     1 
ATOM   219 O O2     . DC  A 1 10 ? 5.816   4.069   -9.969  1.00 5.95   ? 10 DC  A O2     1 
ATOM   220 N N3     . DC  A 1 10 ? 4.890   5.385   -8.385  1.00 5.52   ? 10 DC  A N3     1 
ATOM   221 C C4     . DC  A 1 10 ? 5.063   6.320   -7.439  1.00 7.33   ? 10 DC  A C4     1 
ATOM   222 N N4     . DC  A 1 10 ? 3.970   6.833   -6.863  1.00 4.97   ? 10 DC  A N4     1 
ATOM   223 C C5     . DC  A 1 10 ? 6.366   6.782   -7.064  1.00 5.91   ? 10 DC  A C5     1 
ATOM   224 C C6     . DC  A 1 10 ? 7.415   6.257   -7.718  1.00 6.20   ? 10 DC  A C6     1 
ATOM   225 H "HO3'" . DC  A 1 10 ? 11.711  7.148   -10.624 1.00 10.64  ? 10 DC  A "HO3'" 1 
ATOM   226 H H41    . DC  A 1 10 ? 4.048   7.551   -6.154  1.00 -8.68  ? 10 DC  A H41    1 
ATOM   227 H H42    . DC  A 1 10 ? 3.060   6.511   -7.149  1.00 10.54  ? 10 DC  A H42    1 
HETATM 228 O O      . HOH B 2 .  ? -2.663  0.306   0.767   0.79 13.27  ? 11 HOH A O      1 
HETATM 229 H H1     . HOH B 2 .  ? -3.614  0.370   0.676   1.00 -11.82 ? 11 HOH A H1     1 
HETATM 230 H H2     . HOH B 2 .  ? -2.410  1.210   0.955   1.00 17.04  ? 11 HOH A H2     1 
HETATM 231 O O      . HOH B 2 .  ? -3.161  8.972   7.810   0.79 4.86   ? 12 HOH A O      1 
HETATM 232 H H1     . HOH B 2 .  ? -2.530  8.679   8.475   1.00 -5.88  ? 12 HOH A H1     1 
HETATM 233 H H2     . HOH B 2 .  ? -3.582  8.160   7.563   1.00 13.56  ? 12 HOH A H2     1 
HETATM 234 O O      . HOH B 2 .  ? -3.362  -9.111  -3.948  0.79 14.22  ? 13 HOH A O      1 
HETATM 235 H H1     . HOH B 2 .  ? -2.594  -8.994  -3.377  1.00 -9.72  ? 13 HOH A H1     1 
HETATM 236 H H2     . HOH B 2 .  ? -3.059  -9.817  -4.531  1.00 10.74  ? 13 HOH A H2     1 
HETATM 237 O O      . HOH B 2 .  ? 8.561   9.121   -5.757  0.79 13.46  ? 14 HOH A O      1 
HETATM 238 H H1     . HOH B 2 .  ? 7.608   9.168   -5.764  1.00 12.48  ? 14 HOH A H1     1 
HETATM 239 H H2     . HOH B 2 .  ? 8.936   8.756   -4.936  1.00 -0.72  ? 14 HOH A H2     1 
HETATM 240 O O      . HOH B 2 .  ? 5.205   9.640   -0.277  0.79 10.70  ? 15 HOH A O      1 
HETATM 241 H H1     . HOH B 2 .  ? 5.630   9.780   -1.138  1.00 1.92   ? 15 HOH A H1     1 
HETATM 242 H H2     . HOH B 2 .  ? 4.412   10.192  -0.302  1.00 3.78   ? 15 HOH A H2     1 
HETATM 243 O O      . HOH B 2 .  ? -2.041  -11.836 -1.820  0.79 11.38  ? 16 HOH A O      1 
HETATM 244 H H1     . HOH B 2 .  ? -1.748  -11.698 -0.902  1.00 6.66   ? 16 HOH A H1     1 
HETATM 245 H H2     . HOH B 2 .  ? -2.748  -12.477 -1.721  1.00 1.68   ? 16 HOH A H2     1 
HETATM 246 O O      . HOH B 2 .  ? 2.551   10.379  5.308   0.79 18.50  ? 17 HOH A O      1 
HETATM 247 H H1     . HOH B 2 .  ? 3.498   10.187  5.280   1.00 -4.74  ? 17 HOH A H1     1 
HETATM 248 H H2     . HOH B 2 .  ? 2.294   10.023  4.446   1.00 -8.52  ? 17 HOH A H2     1 
HETATM 249 O O      . HOH B 2 .  ? -0.160  10.215  5.157   0.79 12.56  ? 18 HOH A O      1 
HETATM 250 H H1     . HOH B 2 .  ? -0.164  9.626   5.919   1.00 -7.32  ? 18 HOH A H1     1 
HETATM 251 H H2     . HOH B 2 .  ? 0.392   10.959  5.427   1.00 23.04  ? 18 HOH A H2     1 
HETATM 252 O O      . HOH B 2 .  ? 1.073   5.737   -3.530  0.79 5.91   ? 19 HOH A O      1 
HETATM 253 H H1     . HOH B 2 .  ? 1.990   5.750   -3.880  1.00 9.14   ? 19 HOH A H1     1 
HETATM 254 H H2     . HOH B 2 .  ? 0.893   6.703   -3.532  1.00 -4.30  ? 19 HOH A H2     1 
HETATM 255 O O      . HOH B 2 .  ? -4.867  1.968   2.191   0.79 11.03  ? 20 HOH A O      1 
HETATM 256 H H1     . HOH B 2 .  ? -5.709  1.607   1.907   1.00 6.46   ? 20 HOH A H1     1 
HETATM 257 H H2     . HOH B 2 .  ? -5.061  2.672   2.824   1.00 2.24   ? 20 HOH A H2     1 
HETATM 258 O O      . HOH B 2 .  ? 0.754   8.967   8.969   0.89 13.14  ? 21 HOH A O      1 
HETATM 259 H H1     . HOH B 2 .  ? 0.883   9.603   9.698   1.00 3.36   ? 21 HOH A H1     1 
HETATM 260 H H2     . HOH B 2 .  ? 1.150   9.375   8.203   1.00 4.88   ? 21 HOH A H2     1 
HETATM 261 O O      . HOH B 2 .  ? 8.553   1.819   -0.307  0.89 7.08   ? 22 HOH A O      1 
HETATM 262 H H1     . HOH B 2 .  ? 7.914   1.578   0.376   1.00 -4.33  ? 22 HOH A H1     1 
HETATM 263 H H2     . HOH B 2 .  ? 7.996   1.997   -1.073  1.00 -3.65  ? 22 HOH A H2     1 
HETATM 264 O O      . HOH B 2 .  ? -1.278  3.268   1.763   0.89 6.79   ? 23 HOH A O      1 
HETATM 265 H H1     . HOH B 2 .  ? -1.219  2.802   0.908   1.00 -8.77  ? 23 HOH A H1     1 
HETATM 266 H H2     . HOH B 2 .  ? -2.139  3.693   1.731   1.00 6.23   ? 23 HOH A H2     1 
HETATM 267 O O      . HOH B 2 .  ? -7.444  5.953   8.670   0.89 15.86  ? 24 HOH A O      1 
HETATM 268 H H1     . HOH B 2 .  ? -7.868  5.085   8.704   1.00 -6.71  ? 24 HOH A H1     1 
HETATM 269 H H2     . HOH B 2 .  ? -7.039  5.919   7.790   1.00 4.52   ? 24 HOH A H2     1 
HETATM 270 O O      . HOH B 2 .  ? -4.819  -1.490  1.125   0.89 17.17  ? 25 HOH A O      1 
HETATM 271 H H1     . HOH B 2 .  ? -4.397  -1.457  1.996   1.00 8.00   ? 25 HOH A H1     1 
HETATM 272 H H2     . HOH B 2 .  ? -5.527  -0.848  1.139   1.00 11.90  ? 25 HOH A H2     1 
HETATM 273 O O      . HOH B 2 .  ? -2.946  4.954   3.388   0.89 10.49  ? 26 HOH A O      1 
HETATM 274 H H1     . HOH B 2 .  ? -2.752  5.247   4.290   1.00 -9.95  ? 26 HOH A H1     1 
HETATM 275 H H2     . HOH B 2 .  ? -2.040  5.080   3.030   1.00 -3.59  ? 26 HOH A H2     1 
HETATM 276 O O      . HOH B 2 .  ? -10.637 -11.615 -1.656  0.89 11.66  ? 27 HOH A O      1 
HETATM 277 H H1     . HOH B 2 .  ? -9.904  -11.642 -1.033  1.00 -1.40  ? 27 HOH A H1     1 
HETATM 278 H H2     . HOH B 2 .  ? -10.195 -11.784 -2.492  1.00 -6.46  ? 27 HOH A H2     1 
HETATM 279 O O      . HOH B 2 .  ? 10.793  10.777  -9.062  0.98 10.07  ? 28 HOH A O      1 
HETATM 280 H H1     . HOH B 2 .  ? 10.388  10.553  -8.233  1.00 -0.76  ? 28 HOH A H1     1 
HETATM 281 H H2     . HOH B 2 .  ? 10.267  11.468  -9.490  1.00 -5.08  ? 28 HOH A H2     1 
HETATM 282 O O      . HOH B 2 .  ? 11.006  2.797   -0.637  0.98 13.43  ? 29 HOH A O      1 
HETATM 283 H H1     . HOH B 2 .  ? 10.871  3.723   -0.819  1.00 -3.52  ? 29 HOH A H1     1 
HETATM 284 H H2     . HOH B 2 .  ? 10.117  2.390   -0.752  1.00 2.64   ? 29 HOH A H2     1 
HETATM 285 O O      . HOH B 2 .  ? -0.275  3.786   -2.541  0.98 11.20  ? 30 HOH A O      1 
HETATM 286 H H1     . HOH B 2 .  ? -0.978  4.454   -2.565  1.00 -0.36  ? 30 HOH A H1     1 
HETATM 287 H H2     . HOH B 2 .  ? 0.505   4.278   -2.926  1.00 3.20   ? 30 HOH A H2     1 
HETATM 288 O O      . HOH B 2 .  ? -8.228  8.150   12.370  0.98 13.61  ? 31 HOH A O      1 
HETATM 289 H H1     . HOH B 2 .  ? -8.486  8.760   11.660  1.00 -3.92  ? 31 HOH A H1     1 
HETATM 290 H H2     . HOH B 2 .  ? -8.993  8.223   12.956  1.00 -5.92  ? 31 HOH A H2     1 
HETATM 291 O O      . HOH B 2 .  ? 6.962   3.093   -12.232 0.98 13.47  ? 32 HOH A O      1 
HETATM 292 H H1     . HOH B 2 .  ? 6.489   3.816   -11.824 1.00 5.28   ? 32 HOH A H1     1 
HETATM 293 H H2     . HOH B 2 .  ? 6.844   2.373   -11.621 1.00 1.20   ? 32 HOH A H2     1 
HETATM 294 O O      . HOH B 2 .  ? 2.987   8.530   0.207   0.98 15.85  ? 33 HOH A O      1 
HETATM 295 H H1     . HOH B 2 .  ? 3.814   8.418   -0.298  1.00 -3.96  ? 33 HOH A H1     1 
HETATM 296 H H2     . HOH B 2 .  ? 3.319   8.339   1.105   1.00 6.40   ? 33 HOH A H2     1 
HETATM 297 O O      . HOH B 2 .  ? -0.225  -19.161 -4.210  0.98 16.33  ? 34 HOH A O      1 
HETATM 298 H H1     . HOH B 2 .  ? 0.317   -19.444 -4.945  1.00 -0.08  ? 34 HOH A H1     1 
HETATM 299 H H2     . HOH B 2 .  ? 0.348   -19.133 -3.448  1.00 -3.40  ? 34 HOH A H2     1 
HETATM 300 O O      . HOH B 2 .  ? 6.798   9.508   -3.771  0.98 17.14  ? 35 HOH A O      1 
HETATM 301 H H1     . HOH B 2 .  ? 6.190   9.633   -4.522  1.00 -2.56  ? 35 HOH A H1     1 
HETATM 302 H H2     . HOH B 2 .  ? 7.637   9.241   -4.136  1.00 -4.64  ? 35 HOH A H2     1 
HETATM 303 O O      . HOH B 2 .  ? -2.367  -14.927 3.228   0.98 12.62  ? 36 HOH A O      1 
HETATM 304 H H1     . HOH B 2 .  ? -1.545  -14.886 2.753   1.00 4.44   ? 36 HOH A H1     1 
HETATM 305 H H2     . HOH B 2 .  ? -2.631  -14.014 3.366   1.00 7.76   ? 36 HOH A H2     1 
HETATM 306 O O      . HOH B 2 .  ? 2.660   7.068   2.431   0.98 11.72  ? 37 HOH A O      1 
HETATM 307 H H1     . HOH B 2 .  ? 2.546   6.452   1.695   1.00 -2.96  ? 37 HOH A H1     1 
HETATM 308 H H2     . HOH B 2 .  ? 1.939   6.740   3.004   1.00 -3.12  ? 37 HOH A H2     1 
HETATM 309 O O      . HOH B 2 .  ? -9.370  -7.652  -8.558  0.98 15.94  ? 38 HOH A O      1 
HETATM 310 H H1     . HOH B 2 .  ? -9.693  -8.538  -8.834  1.00 -0.04  ? 38 HOH A H1     1 
HETATM 311 H H2     . HOH B 2 .  ? -8.647  -7.781  -7.936  1.00 -3.60  ? 38 HOH A H2     1 
HETATM 312 O O      . HOH B 2 .  ? 0.100   6.941   2.727   0.98 15.85  ? 39 HOH A O      1 
HETATM 313 H H1     . HOH B 2 .  ? 0.471   7.129   1.859   1.00 -4.72  ? 39 HOH A H1     1 
HETATM 314 H H2     . HOH B 2 .  ? 0.320   7.703   3.267   1.00 -7.76  ? 39 HOH A H2     1 
HETATM 315 O O      . HOH B 2 .  ? 0.297   5.108   -0.057  0.98 10.79  ? 40 HOH A O      1 
HETATM 316 H H1     . HOH B 2 .  ? 0.564   4.188   -0.116  1.00 17.16  ? 40 HOH A H1     1 
HETATM 317 H H2     . HOH B 2 .  ? 0.407   5.398   -0.957  1.00 -7.88  ? 40 HOH A H2     1 
HETATM 318 O O      . HOH B 2 .  ? 9.113   0.134   -3.312  0.98 15.77  ? 41 HOH A O      1 
HETATM 319 H H1     . HOH B 2 .  ? 8.619   0.640   -3.964  1.00 1.50   ? 41 HOH A H1     1 
HETATM 320 H H2     . HOH B 2 .  ? 8.712   0.237   -2.453  1.00 1.53   ? 41 HOH A H2     1 
HETATM 321 O O      . HOH B 2 .  ? -10.668 -7.241  2.304   0.98 19.56  ? 42 HOH A O      1 
HETATM 322 H H1     . HOH B 2 .  ? -11.396 -7.738  1.942   1.00 -3.44  ? 42 HOH A H1     1 
HETATM 323 H H2     . HOH B 2 .  ? -10.894 -6.319  2.148   1.00 -1.64  ? 42 HOH A H2     1 
HETATM 324 O O      . HOH B 2 .  ? -4.966  8.041   5.795   0.98 21.32  ? 43 HOH A O      1 
HETATM 325 H H1     . HOH B 2 .  ? -4.678  7.548   6.547   1.00 -5.17  ? 43 HOH A H1     1 
HETATM 326 H H2     . HOH B 2 .  ? -4.995  7.400   5.088   1.00 2.66   ? 43 HOH A H2     1 
HETATM 327 O O      . HOH B 2 .  ? 8.654   9.056   5.178   0.98 27.84  ? 44 HOH A O      1 
HETATM 328 H H1     . HOH B 2 .  ? 7.965   9.179   5.841   1.00 -3.59  ? 44 HOH A H1     1 
HETATM 329 H H2     . HOH B 2 .  ? 9.475   9.233   5.650   1.00 6.80   ? 44 HOH A H2     1 
HETATM 330 O O      . HOH B 2 .  ? 5.390   11.127  2.592   0.98 47.41  ? 45 HOH A O      1 
HETATM 331 H H1     . HOH B 2 .  ? 5.276   10.340  3.116   1.00 -0.57  ? 45 HOH A H1     1 
HETATM 332 H H2     . HOH B 2 .  ? 4.820   10.960  1.838   1.00 7.86   ? 45 HOH A H2     1 
HETATM 333 O O      . HOH B 2 .  ? -6.945  1.214   -1.477  0.98 26.12  ? 46 HOH A O      1 
HETATM 334 H H1     . HOH B 2 .  ? -7.078  1.670   -2.304  1.00 -0.73  ? 46 HOH A H1     1 
HETATM 335 H H2     . HOH B 2 .  ? -7.574  1.610   -0.870  1.00 7.58   ? 46 HOH A H2     1 
HETATM 336 O O      . HOH B 2 .  ? 12.083  9.137   -10.920 0.98 10.71  ? 47 HOH A O      1 
HETATM 337 H H1     . HOH B 2 .  ? 12.731  8.850   -11.561 1.00 -7.98  ? 47 HOH A H1     1 
HETATM 338 H H2     . HOH B 2 .  ? 11.427  9.570   -11.460 1.00 4.80   ? 47 HOH A H2     1 
HETATM 339 O O      . HOH B 2 .  ? 4.566   9.119   -5.164  0.98 11.69  ? 48 HOH A O      1 
HETATM 340 H H1     . HOH B 2 .  ? 4.133   8.999   -4.309  1.00 -8.13  ? 48 HOH A H1     1 
HETATM 341 H H2     . HOH B 2 .  ? 4.503   10.102  -5.239  1.00 2.76   ? 48 HOH A H2     1 
HETATM 342 O O      . HOH B 2 .  ? 1.962   9.901   -3.843  0.98 16.92  ? 49 HOH A O      1 
HETATM 343 H H1     . HOH B 2 .  ? 2.196   8.974   -3.876  1.00 12.03  ? 49 HOH A H1     1 
HETATM 344 H H2     . HOH B 2 .  ? 1.134   9.892   -4.366  1.00 -5.22  ? 49 HOH A H2     1 
HETATM 345 O O      . HOH B 2 .  ? -1.429  -9.026  -1.218  0.98 22.55  ? 50 HOH A O      1 
HETATM 346 H H1     . HOH B 2 .  ? -1.410  -8.719  -0.304  1.00 -4.38  ? 50 HOH A H1     1 
HETATM 347 H H2     . HOH B 2 .  ? -2.233  -9.527  -1.353  1.00 1.68   ? 50 HOH A H2     1 
HETATM 348 O O      . HOH B 2 .  ? 12.143  4.612   1.051   0.98 25.29  ? 51 HOH A O      1 
HETATM 349 H H1     . HOH B 2 .  ? 11.959  3.683   1.267   1.00 -1.14  ? 51 HOH A H1     1 
HETATM 350 H H2     . HOH B 2 .  ? 11.250  4.921   0.874   1.00 -3.66  ? 51 HOH A H2     1 
HETATM 351 O O      . HOH B 2 .  ? -1.936  -3.172  1.130   0.98 25.72  ? 52 HOH A O      1 
HETATM 352 H H1     . HOH B 2 .  ? -2.851  -3.202  0.858   1.00 5.07   ? 52 HOH A H1     1 
HETATM 353 H H2     . HOH B 2 .  ? -1.856  -3.774  1.875   1.00 -5.67  ? 52 HOH A H2     1 
HETATM 354 O O      . HOH B 2 .  ? -10.336 -16.033 -2.750  0.98 25.01  ? 53 HOH A O      1 
HETATM 355 H H1     . HOH B 2 .  ? -9.524  -16.519 -2.786  1.00 0.63   ? 53 HOH A H1     1 
HETATM 356 H H2     . HOH B 2 .  ? -10.825 -16.396 -3.490  1.00 -0.54  ? 53 HOH A H2     1 
HETATM 357 O O      . HOH B 2 .  ? 8.260   10.810  2.909   0.96 33.03  ? 54 HOH A O      1 
HETATM 358 H H1     . HOH B 2 .  ? 8.510   10.078  2.346   1.00 0.58   ? 54 HOH A H1     1 
HETATM 359 H H2     . HOH B 2 .  ? 7.873   10.350  3.660   1.00 -2.68  ? 54 HOH A H2     1 
HETATM 360 O O      . HOH B 2 .  ? -1.807  -12.047 0.967   0.96 32.11  ? 55 HOH A O      1 
HETATM 361 H H1     . HOH B 2 .  ? -2.512  -11.943 1.590   1.00 1.40   ? 55 HOH A H1     1 
HETATM 362 H H2     . HOH B 2 .  ? -1.167  -12.473 1.532   1.00 -5.26  ? 55 HOH A H2     1 
HETATM 363 O O      . HOH B 2 .  ? -1.019  -6.611  0.501   0.96 35.44  ? 56 HOH A O      1 
HETATM 364 H H1     . HOH B 2 .  ? -0.286  -6.074  0.887   1.00 1.98   ? 56 HOH A H1     1 
HETATM 365 H H2     . HOH B 2 .  ? -0.509  -6.950  -0.234  1.00 2.28   ? 56 HOH A H2     1 
HETATM 366 O O      . HOH B 2 .  ? -3.252  11.685  7.396   0.96 26.56  ? 57 HOH A O      1 
HETATM 367 H H1     . HOH B 2 .  ? -3.165  11.498  6.451   1.00 0.08   ? 57 HOH A H1     1 
HETATM 368 H H2     . HOH B 2 .  ? -2.381  11.558  7.743   1.00 5.32   ? 57 HOH A H2     1 
HETATM 369 O O      . HOH B 2 .  ? -0.562  2.032   -0.689  0.98 20.90  ? 58 HOH A O      1 
HETATM 370 H H1     . HOH B 2 .  ? -0.443  2.407   -1.589  1.00 1.51   ? 58 HOH A H1     1 
HETATM 371 H H2     . HOH B 2 .  ? 0.310   1.657   -0.494  1.00 -0.22  ? 58 HOH A H2     1 
HETATM 372 O O      . HOH B 2 .  ? 11.568  9.333   -2.738  0.98 29.01  ? 59 HOH A O      1 
HETATM 373 H H1     . HOH B 2 .  ? 11.422  9.527   -1.795  1.00 1.50   ? 59 HOH A H1     1 
HETATM 374 H H2     . HOH B 2 .  ? 12.331  9.867   -2.966  1.00 0.34   ? 59 HOH A H2     1 
HETATM 375 O O      . HOH B 2 .  ? 11.769  8.591   1.147   0.98 34.28  ? 60 HOH A O      1 
HETATM 376 H H1     . HOH B 2 .  ? 10.982  8.652   0.588   1.00 0.90   ? 60 HOH A H1     1 
HETATM 377 H H2     . HOH B 2 .  ? 12.503  8.809   0.579   1.00 0.35   ? 60 HOH A H2     1 
HETATM 378 O O      . HOH B 2 .  ? 8.819   1.293   -7.242  0.98 27.84  ? 61 HOH A O      1 
HETATM 379 H H1     . HOH B 2 .  ? 9.477   1.066   -7.891  1.00 -2.02  ? 61 HOH A H1     1 
HETATM 380 H H2     . HOH B 2 .  ? 8.276   1.955   -7.665  1.00 0.69   ? 61 HOH A H2     1 
HETATM 381 O O      . HOH B 2 .  ? -6.522  5.618   2.369   0.98 31.15  ? 62 HOH A O      1 
HETATM 382 H H1     . HOH B 2 .  ? -6.468  6.412   2.911   1.00 -0.64  ? 62 HOH A H1     1 
HETATM 383 H H2     . HOH B 2 .  ? -5.845  5.059   2.759   1.00 1.21   ? 62 HOH A H2     1 
# 
